data_3QER
#
_entry.id   3QER
#
_cell.length_a   78.269
_cell.length_b   118.705
_cell.length_c   130.523
_cell.angle_alpha   90.00
_cell.angle_beta   90.00
_cell.angle_gamma   90.00
#
_symmetry.space_group_name_H-M   'P 21 21 21'
#
loop_
_entity.id
_entity.type
_entity.pdbx_description
1 polymer 'DNA polymerase'
2 polymer "DNA (5'-D(P*TP*CP*GP*(DFT)P*GP*TP*AP*AP*GP*CP*AP*GP*TP*CP*CP*GP*CP*G)-3')"
3 polymer "DNA (5'-D(*GP*CP*GP*GP*AP*CP*TP*GP*CP*TP*TP*AP*(DOC))-3')"
4 non-polymer "2'-DEOXYADENOSINE 5'-TRIPHOSPHATE"
5 non-polymer 'CALCIUM ION'
6 water water
#
loop_
_entity_poly.entity_id
_entity_poly.type
_entity_poly.pdbx_seq_one_letter_code
_entity_poly.pdbx_strand_id
1 'polypeptide(L)'
;MKEFYLTVEQIGDSIFERYIDSNGRERTREVEYKPSLFAHCPESQATKYFDIYGKPCTRKLFANMRDASQWIKRMEDIGL
EALGMDDFKLAYLSDTYNYEIKYDHTKIRVANFDIEVTSPDGFPEPSQAKHPIDAITHYDSIDDRFYVFDLLNSPYGNVE
EWSIEIAAKLQEQGGDEVPSEIIDKIIYMPFDNEKELLMEYLNFWQQKTPVILTGWNVESFAIPYVYNRIKNIFGESTAK
RLSPHRKTRVKVIENMYGSREIITLFGISVLDYIDLYKKFSFTNQPSYSLDYISEFELNVGKLKYDGPISKLRESNHQRY
ISYNIIAVYRVLQIDAKRQFINLSLDMGYYAKIQIQSVFSPIKTWDAIIFNSLKEQNKVIPQGRSHPVQPYPGAFVKEPI
PNRYKYVMSFDLTSLYPSIIRQVNISPETIAGTFKVAPLHDYINAVAERPSDVYSCSPNGMMYYKDRDGVVPTEITKVFN
QRKEHKGYMLAAQRNGEIIKEALHNPNLSVDEPLDVDYRFDFSDEIKEKIKKLSAKSLNEMLFRAQRTEVAGMTAQINRK
ALINGLAGALGNVWFRYYDLRNATAITTFGQMALQWIERKVNEYLNEVCGTEGEAFVLYGDTDSIYVSADKIIDKVGESK
FRDTNHWVDFLDKFARERMEPAIDRGFREMCEYMNNKQHLMFMDREAIAGPPLGSKGIGGFWTGKKRYALNVWDMEGTRY
AEPKLKIMGLETQKSSTPKAVQKALKECIRRMLQEGEESLQEYFKEFEKEFRQLNYISIASVSSANNIAKYDVGGFPGPK
CPFHIRGILTYNRAIKGNIDAPQVVEGEKVYVLPLREGNPFGDKCIAWPSGTEITDLIKDDVLHWMDYTVLLEKTFIKPL
EGFTSAAKLDYEKKASLFDMFDF
;
A
2 'polydeoxyribonucleotide' (DT)(DC)(DG)(DFT)(DG)(DT)(DA)(DA)(DG)(DC)(DA)(DG)(DT)(DC)(DC)(DG)(DC)(DG) T
3 'polydeoxyribonucleotide' (DG)(DC)(DG)(DG)(DA)(DC)(DT)(DG)(DC)(DT)(DT)(DA)(DOC) P
#
loop_
_chem_comp.id
_chem_comp.type
_chem_comp.name
_chem_comp.formula
CA non-polymer 'CALCIUM ION' 'Ca 2'
DA DNA linking 2'-DEOXYADENOSINE-5'-MONOPHOSPHATE 'C10 H14 N5 O6 P'
DC DNA linking 2'-DEOXYCYTIDINE-5'-MONOPHOSPHATE 'C9 H14 N3 O7 P'
DFT DNA linking 1-[2-DEOXYRIBOFURANOSYL]-2,4-DIFLUORO-5-METHYL-BENZENE-5'MONOPHOSPHATE 'C12 H15 F2 O6 P'
DG DNA linking 2'-DEOXYGUANOSINE-5'-MONOPHOSPHATE 'C10 H14 N5 O7 P'
DOC DNA linking 2',3'-DIDEOXYCYTIDINE-5'-MONOPHOSPHATE 'C9 H14 N3 O6 P'
DT DNA linking THYMIDINE-5'-MONOPHOSPHATE 'C10 H15 N2 O8 P'
DTP non-polymer '2'-DEOXYADENOSINE 5'-TRIPHOSPHATE' 'C10 H16 N5 O12 P3'
#
# COMPACT_ATOMS: atom_id res chain seq x y z
N MET A 1 24.14 -8.60 -24.69
CA MET A 1 23.32 -7.79 -23.74
C MET A 1 24.21 -7.20 -22.64
N LYS A 2 23.76 -6.11 -22.03
CA LYS A 2 24.47 -5.54 -20.89
C LYS A 2 24.22 -6.39 -19.65
N GLU A 3 25.26 -6.51 -18.81
CA GLU A 3 25.18 -7.33 -17.61
C GLU A 3 24.40 -6.62 -16.52
N PHE A 4 23.78 -7.40 -15.63
CA PHE A 4 23.12 -6.84 -14.47
C PHE A 4 23.18 -7.83 -13.31
N TYR A 5 23.25 -7.31 -12.09
CA TYR A 5 23.31 -8.15 -10.91
C TYR A 5 21.98 -8.85 -10.61
N LEU A 6 22.05 -9.95 -9.88
CA LEU A 6 20.85 -10.61 -9.39
C LEU A 6 20.75 -10.39 -7.88
N THR A 7 21.82 -10.76 -7.17
CA THR A 7 21.92 -10.52 -5.73
C THR A 7 23.34 -10.08 -5.38
N VAL A 8 23.47 -9.42 -4.23
CA VAL A 8 24.78 -9.04 -3.72
C VAL A 8 24.77 -9.19 -2.21
N GLU A 9 25.86 -9.69 -1.65
CA GLU A 9 26.03 -9.84 -0.21
C GLU A 9 27.45 -9.47 0.21
N GLN A 10 27.58 -8.92 1.41
CA GLN A 10 28.89 -8.81 2.05
C GLN A 10 29.02 -9.90 3.11
N ILE A 11 30.06 -10.72 3.00
CA ILE A 11 30.39 -11.74 3.98
C ILE A 11 31.87 -11.56 4.34
N GLY A 12 32.12 -10.97 5.52
CA GLY A 12 33.47 -10.60 5.92
C GLY A 12 34.09 -9.63 4.92
N ASP A 13 35.27 -9.97 4.42
CA ASP A 13 35.97 -9.14 3.43
C ASP A 13 35.65 -9.53 1.98
N SER A 14 34.59 -10.29 1.81
CA SER A 14 34.15 -10.71 0.48
C SER A 14 32.78 -10.17 0.10
N ILE A 15 32.68 -9.75 -1.16
CA ILE A 15 31.40 -9.50 -1.79
C ILE A 15 31.05 -10.76 -2.59
N PHE A 16 29.88 -11.33 -2.31
CA PHE A 16 29.35 -12.44 -3.10
C PHE A 16 28.25 -11.92 -4.01
N GLU A 17 28.44 -12.07 -5.31
CA GLU A 17 27.48 -11.56 -6.29
C GLU A 17 27.00 -12.65 -7.24
N ARG A 18 25.69 -12.76 -7.36
CA ARG A 18 25.09 -13.52 -8.45
C ARG A 18 24.66 -12.50 -9.49
N TYR A 19 24.87 -12.82 -10.76
CA TYR A 19 24.59 -11.85 -11.83
C TYR A 19 24.27 -12.55 -13.14
N ILE A 20 23.81 -11.77 -14.10
CA ILE A 20 23.62 -12.24 -15.47
C ILE A 20 24.74 -11.65 -16.34
N ASP A 21 25.46 -12.50 -17.07
CA ASP A 21 26.58 -12.04 -17.91
C ASP A 21 26.15 -11.57 -19.30
N SER A 22 27.13 -11.13 -20.11
CA SER A 22 26.88 -10.56 -21.43
C SER A 22 26.16 -11.53 -22.38
N ASN A 23 26.32 -12.83 -22.13
CA ASN A 23 25.64 -13.86 -22.92
C ASN A 23 24.29 -14.27 -22.33
N GLY A 24 23.87 -13.61 -21.25
CA GLY A 24 22.58 -13.89 -20.63
C GLY A 24 22.58 -15.13 -19.76
N ARG A 25 23.77 -15.55 -19.33
CA ARG A 25 23.92 -16.71 -18.47
C ARG A 25 24.05 -16.27 -17.02
N GLU A 26 23.45 -17.05 -16.11
CA GLU A 26 23.62 -16.80 -14.68
C GLU A 26 24.99 -17.25 -14.19
N ARG A 27 25.69 -16.34 -13.51
CA ARG A 27 27.01 -16.61 -12.94
C ARG A 27 27.08 -16.15 -11.48
N THR A 28 28.10 -16.64 -10.77
CA THR A 28 28.37 -16.22 -9.40
C THR A 28 29.86 -15.93 -9.25
N ARG A 29 30.19 -14.90 -8.49
CA ARG A 29 31.58 -14.57 -8.21
C ARG A 29 31.79 -14.04 -6.79
N GLU A 30 32.94 -14.39 -6.22
CA GLU A 30 33.36 -13.84 -4.94
C GLU A 30 34.46 -12.81 -5.20
N VAL A 31 34.27 -11.59 -4.70
CA VAL A 31 35.20 -10.49 -4.97
C VAL A 31 35.72 -9.90 -3.66
N GLU A 32 37.04 -9.90 -3.50
CA GLU A 32 37.70 -9.27 -2.35
C GLU A 32 37.71 -7.76 -2.54
N TYR A 33 36.55 -7.14 -2.37
CA TYR A 33 36.31 -5.74 -2.72
C TYR A 33 37.16 -4.79 -1.91
N LYS A 34 37.83 -3.88 -2.60
CA LYS A 34 38.64 -2.85 -1.96
C LYS A 34 37.89 -1.52 -1.97
N PRO A 35 37.23 -1.20 -0.84
CA PRO A 35 36.37 -0.02 -0.78
C PRO A 35 37.16 1.27 -0.57
N SER A 36 36.55 2.40 -0.88
CA SER A 36 37.15 3.69 -0.56
C SER A 36 36.23 4.48 0.35
N LEU A 37 36.86 5.26 1.23
CA LEU A 37 36.16 6.26 2.02
C LEU A 37 36.99 7.55 1.94
N PHE A 38 36.52 8.61 2.58
CA PHE A 38 37.13 9.92 2.36
C PHE A 38 37.28 10.73 3.65
N ALA A 39 38.31 11.55 3.69
CA ALA A 39 38.54 12.46 4.80
C ALA A 39 38.74 13.87 4.25
N HIS A 40 38.25 14.87 4.98
CA HIS A 40 38.52 16.25 4.61
C HIS A 40 40.02 16.50 4.64
N CYS A 41 40.51 17.25 3.65
CA CYS A 41 41.93 17.56 3.54
C CYS A 41 42.10 19.07 3.34
N PRO A 42 43.35 19.59 3.49
CA PRO A 42 43.52 21.04 3.34
C PRO A 42 43.39 21.50 1.89
N GLU A 43 43.05 22.78 1.72
CA GLU A 43 42.78 23.36 0.41
C GLU A 43 44.00 23.36 -0.52
N SER A 44 45.19 23.35 0.08
CA SER A 44 46.46 23.33 -0.65
C SER A 44 46.74 22.01 -1.35
N GLN A 45 45.84 21.04 -1.20
CA GLN A 45 46.00 19.71 -1.78
C GLN A 45 45.14 19.52 -3.03
N ALA A 46 45.78 19.13 -4.13
CA ALA A 46 45.07 18.88 -5.39
C ALA A 46 44.31 17.56 -5.38
N THR A 47 42.99 17.65 -5.48
CA THR A 47 42.11 16.47 -5.44
C THR A 47 40.95 16.63 -6.42
N LYS A 48 40.40 15.51 -6.88
CA LYS A 48 39.20 15.56 -7.72
C LYS A 48 37.93 15.26 -6.91
N TYR A 49 38.10 14.95 -5.62
CA TYR A 49 36.97 14.64 -4.75
C TYR A 49 36.59 15.81 -3.87
N PHE A 50 35.31 16.14 -3.85
CA PHE A 50 34.77 17.22 -3.03
C PHE A 50 33.50 16.75 -2.35
N ASP A 51 33.29 17.16 -1.09
CA ASP A 51 32.03 16.84 -0.41
C ASP A 51 30.91 17.71 -1.01
N ILE A 52 29.67 17.50 -0.54
CA ILE A 52 28.52 18.17 -1.18
C ILE A 52 28.53 19.70 -0.99
N TYR A 53 29.29 20.18 -0.02
CA TYR A 53 29.45 21.61 0.23
C TYR A 53 30.70 22.19 -0.44
N GLY A 54 31.32 21.41 -1.33
CA GLY A 54 32.47 21.87 -2.11
C GLY A 54 33.81 21.84 -1.39
N LYS A 55 33.85 21.23 -0.20
CA LYS A 55 35.10 21.14 0.55
C LYS A 55 35.91 19.94 0.07
N PRO A 56 37.24 20.13 -0.08
CA PRO A 56 38.08 19.07 -0.66
C PRO A 56 38.25 17.87 0.25
N CYS A 57 38.30 16.69 -0.36
CA CYS A 57 38.52 15.43 0.35
C CYS A 57 39.66 14.61 -0.23
N THR A 58 40.32 13.82 0.61
CA THR A 58 41.30 12.86 0.15
C THR A 58 40.67 11.47 0.18
N ARG A 59 40.90 10.68 -0.86
CA ARG A 59 40.39 9.31 -0.93
C ARG A 59 41.30 8.37 -0.14
N LYS A 60 40.68 7.49 0.64
CA LYS A 60 41.38 6.43 1.35
C LYS A 60 40.97 5.10 0.73
N LEU A 61 41.89 4.47 0.01
CA LEU A 61 41.67 3.16 -0.58
C LEU A 61 42.12 2.11 0.43
N PHE A 62 41.21 1.22 0.82
CA PHE A 62 41.51 0.19 1.81
C PHE A 62 41.78 -1.16 1.19
N ALA A 63 42.69 -1.92 1.80
CA ALA A 63 43.01 -3.28 1.35
C ALA A 63 41.83 -4.24 1.52
N ASN A 64 40.93 -3.95 2.46
CA ASN A 64 39.71 -4.75 2.67
C ASN A 64 38.61 -3.98 3.40
N MET A 65 37.42 -4.57 3.45
CA MET A 65 36.25 -3.92 4.05
C MET A 65 36.36 -3.75 5.56
N ARG A 66 36.94 -4.74 6.23
CA ARG A 66 37.17 -4.65 7.68
C ARG A 66 38.09 -3.47 7.99
N ASP A 67 39.16 -3.32 7.22
CA ASP A 67 40.09 -2.18 7.37
C ASP A 67 39.36 -0.85 7.23
N ALA A 68 38.42 -0.78 6.30
CA ALA A 68 37.62 0.42 6.09
C ALA A 68 36.71 0.69 7.30
N SER A 69 36.05 -0.36 7.80
CA SER A 69 35.19 -0.28 8.99
C SER A 69 35.95 0.16 10.24
N GLN A 70 37.16 -0.39 10.42
CA GLN A 70 38.02 -0.05 11.56
C GLN A 70 38.49 1.40 11.52
N TRP A 71 38.70 1.92 10.31
CA TRP A 71 39.09 3.31 10.14
C TRP A 71 37.95 4.25 10.53
N ILE A 72 36.72 3.91 10.13
CA ILE A 72 35.53 4.65 10.58
C ILE A 72 35.50 4.80 12.10
N LYS A 73 35.76 3.71 12.82
CA LYS A 73 35.77 3.72 14.28
C LYS A 73 36.85 4.64 14.84
N ARG A 74 38.07 4.53 14.31
CA ARG A 74 39.16 5.41 14.74
C ARG A 74 38.85 6.89 14.49
N MET A 75 38.24 7.20 13.34
CA MET A 75 37.85 8.58 13.02
C MET A 75 36.82 9.12 14.01
N GLU A 76 35.81 8.30 14.32
CA GLU A 76 34.82 8.63 15.36
C GLU A 76 35.51 8.99 16.68
N ASP A 77 36.48 8.16 17.08
CA ASP A 77 37.21 8.34 18.33
C ASP A 77 38.15 9.55 18.31
N ILE A 78 38.66 9.88 17.12
CA ILE A 78 39.45 11.10 16.94
C ILE A 78 38.53 12.33 16.97
N GLY A 79 37.33 12.19 16.41
CA GLY A 79 36.37 13.29 16.35
C GLY A 79 36.29 13.95 14.98
N LEU A 80 36.61 13.20 13.92
CA LEU A 80 36.58 13.74 12.55
C LEU A 80 35.71 12.89 11.63
N GLU A 81 35.05 13.57 10.70
CA GLU A 81 34.11 12.92 9.78
C GLU A 81 34.80 11.92 8.85
N ALA A 82 34.18 10.75 8.74
CA ALA A 82 34.60 9.71 7.80
C ALA A 82 33.53 9.68 6.71
N LEU A 83 33.86 10.26 5.56
CA LEU A 83 32.89 10.42 4.48
C LEU A 83 32.87 9.23 3.53
N GLY A 84 31.80 9.13 2.74
CA GLY A 84 31.66 8.08 1.73
C GLY A 84 30.61 7.03 2.08
N MET A 85 30.37 6.13 1.13
CA MET A 85 29.37 5.07 1.29
C MET A 85 29.87 3.98 2.24
N ASP A 86 29.22 3.88 3.40
CA ASP A 86 29.64 2.90 4.41
C ASP A 86 28.99 1.53 4.26
N ASP A 87 27.92 1.46 3.47
CA ASP A 87 27.33 0.18 3.08
C ASP A 87 28.06 -0.28 1.82
N PHE A 88 29.08 -1.11 2.02
CA PHE A 88 30.03 -1.40 0.94
C PHE A 88 29.44 -2.10 -0.28
N LYS A 89 28.39 -2.89 -0.09
CA LYS A 89 27.76 -3.54 -1.24
C LYS A 89 27.05 -2.56 -2.18
N LEU A 90 26.59 -1.43 -1.65
CA LEU A 90 26.08 -0.35 -2.50
C LEU A 90 27.22 0.27 -3.32
N ALA A 91 28.38 0.46 -2.69
CA ALA A 91 29.56 0.96 -3.38
C ALA A 91 29.98 -0.02 -4.47
N TYR A 92 29.97 -1.32 -4.13
CA TYR A 92 30.31 -2.37 -5.09
C TYR A 92 29.41 -2.36 -6.32
N LEU A 93 28.09 -2.28 -6.10
CA LEU A 93 27.12 -2.24 -7.20
C LEU A 93 27.34 -1.00 -8.07
N SER A 94 27.59 0.13 -7.41
CA SER A 94 27.82 1.39 -8.12
C SER A 94 29.08 1.33 -8.99
N ASP A 95 30.14 0.72 -8.47
CA ASP A 95 31.39 0.52 -9.22
C ASP A 95 31.24 -0.47 -10.38
N THR A 96 30.54 -1.56 -10.14
CA THR A 96 30.42 -2.65 -11.12
C THR A 96 29.42 -2.33 -12.24
N TYR A 97 28.40 -1.55 -11.90
CA TYR A 97 27.33 -1.19 -12.84
C TYR A 97 27.25 0.32 -12.96
N ASN A 98 28.27 0.90 -13.58
CA ASN A 98 28.35 2.34 -13.74
C ASN A 98 27.62 2.82 -14.99
N TYR A 99 26.34 2.46 -15.05
CA TYR A 99 25.46 2.79 -16.17
C TYR A 99 24.03 2.52 -15.73
N GLU A 100 23.06 2.97 -16.52
CA GLU A 100 21.65 2.70 -16.25
C GLU A 100 21.36 1.24 -16.55
N ILE A 101 20.93 0.52 -15.52
CA ILE A 101 20.72 -0.92 -15.63
C ILE A 101 19.50 -1.25 -16.45
N LYS A 102 19.73 -2.00 -17.52
CA LYS A 102 18.68 -2.60 -18.33
C LYS A 102 18.65 -4.07 -17.96
N TYR A 103 17.59 -4.49 -17.29
CA TYR A 103 17.49 -5.88 -16.85
C TYR A 103 16.50 -6.65 -17.72
N ASP A 104 16.70 -7.96 -17.80
CA ASP A 104 15.82 -8.83 -18.55
C ASP A 104 15.16 -9.78 -17.56
N HIS A 105 13.90 -9.51 -17.22
CA HIS A 105 13.18 -10.26 -16.19
C HIS A 105 13.08 -11.76 -16.50
N THR A 106 13.15 -12.12 -17.79
CA THR A 106 13.05 -13.52 -18.20
C THR A 106 14.27 -14.35 -17.77
N LYS A 107 15.38 -13.67 -17.47
CA LYS A 107 16.60 -14.33 -17.00
C LYS A 107 16.64 -14.42 -15.47
N ILE A 108 15.68 -13.79 -14.81
CA ILE A 108 15.66 -13.76 -13.35
C ILE A 108 14.76 -14.87 -12.82
N ARG A 109 15.32 -15.76 -11.99
CA ARG A 109 14.55 -16.86 -11.44
C ARG A 109 13.70 -16.39 -10.28
N VAL A 110 12.39 -16.29 -10.52
CA VAL A 110 11.43 -15.94 -9.50
C VAL A 110 10.73 -17.22 -9.05
N ALA A 111 10.92 -17.58 -7.78
CA ALA A 111 10.30 -18.77 -7.22
C ALA A 111 9.13 -18.41 -6.29
N ASN A 112 8.00 -19.06 -6.52
CA ASN A 112 6.83 -18.96 -5.66
CA ASN A 112 6.83 -18.95 -5.66
C ASN A 112 6.58 -20.32 -5.03
N PHE A 113 6.62 -20.40 -3.71
CA PHE A 113 6.41 -21.70 -3.08
C PHE A 113 5.55 -21.65 -1.83
N ASP A 114 5.09 -22.83 -1.42
CA ASP A 114 4.38 -22.99 -0.16
C ASP A 114 4.43 -24.45 0.27
N ILE A 115 4.35 -24.68 1.57
CA ILE A 115 4.46 -26.04 2.10
C ILE A 115 3.23 -26.43 2.91
N GLU A 116 3.02 -27.72 3.08
CA GLU A 116 1.98 -28.21 3.99
C GLU A 116 2.62 -29.03 5.08
N VAL A 117 2.09 -28.93 6.30
CA VAL A 117 2.61 -29.64 7.46
C VAL A 117 1.42 -30.09 8.34
N THR A 118 1.10 -31.38 8.32
CA THR A 118 0.04 -31.91 9.18
C THR A 118 0.52 -31.89 10.63
N SER A 119 -0.32 -31.35 11.51
CA SER A 119 -0.01 -31.25 12.94
C SER A 119 -1.22 -31.54 13.81
N PRO A 120 -1.21 -32.68 14.53
CA PRO A 120 -2.31 -33.05 15.42
C PRO A 120 -2.28 -32.34 16.79
N ASP A 121 -1.28 -31.50 17.03
CA ASP A 121 -1.14 -30.86 18.35
C ASP A 121 -0.99 -29.33 18.31
N GLY A 122 -1.82 -28.68 17.49
CA GLY A 122 -1.79 -27.22 17.36
C GLY A 122 -1.01 -26.74 16.16
N PHE A 123 -0.74 -25.44 16.11
CA PHE A 123 0.01 -24.84 15.02
C PHE A 123 1.44 -25.37 14.98
N PRO A 124 1.91 -25.82 13.80
CA PRO A 124 3.29 -26.32 13.66
C PRO A 124 4.31 -25.18 13.64
N GLU A 125 4.89 -24.90 14.81
CA GLU A 125 5.85 -23.81 14.96
C GLU A 125 7.12 -24.06 14.15
N PRO A 126 7.52 -23.07 13.32
CA PRO A 126 8.73 -23.20 12.51
C PRO A 126 10.00 -23.37 13.34
N SER A 127 10.08 -22.71 14.49
CA SER A 127 11.28 -22.80 15.31
C SER A 127 11.51 -24.22 15.84
N GLN A 128 10.42 -24.98 16.03
CA GLN A 128 10.51 -26.35 16.52
CA GLN A 128 10.49 -26.36 16.53
C GLN A 128 10.53 -27.36 15.37
N ALA A 129 9.77 -27.09 14.32
CA ALA A 129 9.66 -27.97 13.15
C ALA A 129 9.59 -29.46 13.51
N LYS A 130 8.70 -29.79 14.44
CA LYS A 130 8.65 -31.16 14.96
C LYS A 130 7.83 -32.12 14.11
N HIS A 131 7.15 -31.59 13.09
CA HIS A 131 6.25 -32.40 12.26
C HIS A 131 6.77 -32.50 10.83
N PRO A 132 6.54 -33.66 10.18
CA PRO A 132 6.95 -33.81 8.79
C PRO A 132 6.37 -32.75 7.84
N ILE A 133 7.20 -32.28 6.92
CA ILE A 133 6.71 -31.53 5.76
C ILE A 133 6.13 -32.58 4.81
N ASP A 134 4.84 -32.46 4.51
CA ASP A 134 4.17 -33.50 3.70
C ASP A 134 3.70 -33.04 2.32
N ALA A 135 3.96 -31.78 1.99
CA ALA A 135 3.76 -31.27 0.64
C ALA A 135 4.57 -30.00 0.39
N ILE A 136 5.15 -29.89 -0.80
CA ILE A 136 5.73 -28.64 -1.29
C ILE A 136 5.30 -28.44 -2.73
N THR A 137 4.75 -27.26 -3.03
CA THR A 137 4.60 -26.82 -4.41
C THR A 137 5.49 -25.60 -4.62
N HIS A 138 6.37 -25.70 -5.61
CA HIS A 138 7.39 -24.69 -5.87
C HIS A 138 7.28 -24.35 -7.35
N TYR A 139 6.83 -23.13 -7.65
CA TYR A 139 6.72 -22.67 -9.02
C TYR A 139 7.97 -21.91 -9.43
N ASP A 140 8.52 -22.27 -10.59
CA ASP A 140 9.72 -21.64 -11.13
C ASP A 140 9.36 -20.81 -12.37
N SER A 141 9.66 -19.50 -12.34
CA SER A 141 9.30 -18.59 -13.43
C SER A 141 10.06 -18.84 -14.74
N ILE A 142 11.26 -19.41 -14.64
CA ILE A 142 12.04 -19.73 -15.83
C ILE A 142 11.47 -20.96 -16.55
N ASP A 143 11.19 -22.02 -15.80
CA ASP A 143 10.59 -23.21 -16.38
C ASP A 143 9.11 -23.04 -16.67
N ASP A 144 8.47 -22.09 -15.99
CA ASP A 144 7.01 -21.93 -15.98
C ASP A 144 6.36 -23.27 -15.63
N ARG A 145 6.82 -23.86 -14.52
CA ARG A 145 6.32 -25.16 -14.05
C ARG A 145 6.09 -25.17 -12.55
N PHE A 146 5.04 -25.88 -12.14
CA PHE A 146 4.74 -26.11 -10.73
C PHE A 146 5.31 -27.47 -10.34
N TYR A 147 6.37 -27.46 -9.55
CA TYR A 147 7.00 -28.69 -9.07
C TYR A 147 6.37 -29.08 -7.75
N VAL A 148 5.72 -30.24 -7.73
CA VAL A 148 4.95 -30.69 -6.57
C VAL A 148 5.62 -31.89 -5.92
N PHE A 149 5.99 -31.71 -4.65
CA PHE A 149 6.65 -32.74 -3.85
C PHE A 149 5.62 -33.26 -2.86
N ASP A 150 5.24 -34.53 -3.02
CA ASP A 150 4.12 -35.09 -2.26
C ASP A 150 4.59 -36.26 -1.39
N LEU A 151 4.40 -36.11 -0.09
CA LEU A 151 4.75 -37.17 0.85
C LEU A 151 3.62 -38.18 1.00
N LEU A 152 3.89 -39.43 0.63
CA LEU A 152 2.88 -40.48 0.67
C LEU A 152 2.83 -41.21 1.99
N ASN A 153 4.00 -41.39 2.61
CA ASN A 153 4.08 -42.07 3.90
C ASN A 153 4.55 -41.17 5.03
N SER A 154 3.77 -41.14 6.11
CA SER A 154 4.03 -40.25 7.24
C SER A 154 3.49 -40.89 8.51
N PRO A 155 4.08 -40.55 9.68
CA PRO A 155 3.52 -41.02 10.96
C PRO A 155 2.06 -40.65 11.17
N TYR A 156 1.54 -39.69 10.39
CA TYR A 156 0.14 -39.25 10.51
C TYR A 156 -0.78 -39.82 9.44
N GLY A 157 -0.29 -40.81 8.70
CA GLY A 157 -1.11 -41.51 7.71
C GLY A 157 -0.34 -41.84 6.44
N ASN A 158 -0.62 -43.01 5.89
CA ASN A 158 -0.10 -43.40 4.58
C ASN A 158 -1.19 -43.19 3.54
N VAL A 159 -0.85 -42.47 2.48
CA VAL A 159 -1.85 -42.08 1.49
C VAL A 159 -1.48 -42.53 0.08
N GLU A 160 -2.47 -42.53 -0.81
CA GLU A 160 -2.26 -42.85 -2.21
C GLU A 160 -1.80 -41.60 -2.96
N GLU A 161 -1.30 -41.80 -4.18
CA GLU A 161 -0.87 -40.70 -5.03
C GLU A 161 -2.00 -39.75 -5.40
N TRP A 162 -1.67 -38.47 -5.52
CA TRP A 162 -2.58 -37.45 -6.03
C TRP A 162 -2.87 -37.71 -7.50
N SER A 163 -4.13 -37.50 -7.88
CA SER A 163 -4.57 -37.70 -9.25
C SER A 163 -4.82 -36.38 -9.96
N ILE A 164 -4.04 -36.13 -11.01
CA ILE A 164 -4.20 -34.92 -11.83
C ILE A 164 -5.55 -34.93 -12.55
N GLU A 165 -6.04 -36.12 -12.88
CA GLU A 165 -7.31 -36.27 -13.58
C GLU A 165 -8.48 -35.80 -12.71
N ILE A 166 -8.52 -36.26 -11.46
CA ILE A 166 -9.54 -35.83 -10.50
C ILE A 166 -9.37 -34.35 -10.14
N ALA A 167 -8.12 -33.90 -10.03
CA ALA A 167 -7.81 -32.50 -9.72
C ALA A 167 -8.43 -31.51 -10.71
N ALA A 168 -8.45 -31.88 -11.99
CA ALA A 168 -8.94 -31.03 -13.09
C ALA A 168 -10.45 -30.94 -13.16
N LYS A 169 -11.12 -31.99 -12.68
CA LYS A 169 -12.58 -32.05 -12.71
C LYS A 169 -13.21 -30.96 -11.86
N LEU A 170 -14.41 -30.55 -12.24
CA LEU A 170 -15.21 -29.62 -11.46
C LEU A 170 -15.42 -30.12 -10.04
N GLN A 171 -15.48 -29.21 -9.07
CA GLN A 171 -15.78 -29.58 -7.68
C GLN A 171 -17.18 -30.21 -7.57
N GLU A 172 -18.12 -29.68 -8.33
CA GLU A 172 -19.48 -30.21 -8.40
C GLU A 172 -19.51 -31.64 -8.95
N GLN A 173 -18.40 -32.08 -9.56
CA GLN A 173 -18.25 -33.48 -9.97
C GLN A 173 -17.21 -34.25 -9.14
N GLY A 174 -16.90 -33.75 -7.95
CA GLY A 174 -16.01 -34.46 -7.03
C GLY A 174 -14.54 -34.14 -7.23
N GLY A 175 -14.25 -33.25 -8.18
CA GLY A 175 -12.88 -32.85 -8.47
C GLY A 175 -12.42 -31.68 -7.62
N ASP A 176 -11.27 -31.12 -7.95
CA ASP A 176 -10.71 -30.01 -7.18
C ASP A 176 -10.67 -28.70 -7.94
N GLU A 177 -11.06 -28.73 -9.21
CA GLU A 177 -11.06 -27.57 -10.09
C GLU A 177 -9.71 -26.84 -10.14
N VAL A 178 -8.61 -27.61 -10.19
CA VAL A 178 -7.31 -27.02 -10.49
C VAL A 178 -7.43 -26.39 -11.87
N PRO A 179 -7.15 -25.08 -11.98
CA PRO A 179 -7.39 -24.38 -13.24
C PRO A 179 -6.77 -25.07 -14.44
N SER A 180 -7.53 -25.12 -15.53
CA SER A 180 -7.10 -25.80 -16.74
C SER A 180 -5.78 -25.27 -17.29
N GLU A 181 -5.57 -23.96 -17.15
CA GLU A 181 -4.38 -23.31 -17.73
C GLU A 181 -3.07 -23.67 -17.00
N ILE A 182 -3.16 -24.38 -15.87
CA ILE A 182 -1.94 -24.85 -15.18
C ILE A 182 -1.78 -26.37 -15.13
N ILE A 183 -2.81 -27.11 -15.53
CA ILE A 183 -2.77 -28.58 -15.49
C ILE A 183 -1.53 -29.14 -16.20
N ASP A 184 -1.23 -28.60 -17.39
CA ASP A 184 -0.12 -29.09 -18.19
C ASP A 184 1.27 -28.61 -17.71
N LYS A 185 1.27 -27.68 -16.75
CA LYS A 185 2.50 -27.11 -16.20
C LYS A 185 2.92 -27.74 -14.85
N ILE A 186 2.15 -28.74 -14.41
CA ILE A 186 2.43 -29.42 -13.14
C ILE A 186 3.37 -30.61 -13.36
N ILE A 187 4.43 -30.65 -12.55
CA ILE A 187 5.34 -31.79 -12.54
C ILE A 187 5.25 -32.45 -11.16
N TYR A 188 4.61 -33.62 -11.11
CA TYR A 188 4.24 -34.28 -9.86
C TYR A 188 5.26 -35.32 -9.42
N MET A 189 5.72 -35.21 -8.18
CA MET A 189 6.78 -36.08 -7.64
C MET A 189 6.39 -36.66 -6.28
N PRO A 190 5.90 -37.91 -6.27
CA PRO A 190 5.55 -38.55 -4.99
C PRO A 190 6.77 -39.16 -4.31
N PHE A 191 6.75 -39.20 -2.97
CA PHE A 191 7.85 -39.74 -2.19
C PHE A 191 7.31 -40.64 -1.10
N ASP A 192 8.02 -41.76 -0.88
CA ASP A 192 7.66 -42.72 0.15
C ASP A 192 8.19 -42.35 1.53
N ASN A 193 9.11 -41.40 1.60
CA ASN A 193 9.59 -40.90 2.89
C ASN A 193 10.11 -39.46 2.84
N GLU A 194 10.03 -38.78 3.97
CA GLU A 194 10.31 -37.35 4.06
C GLU A 194 11.78 -37.02 3.76
N LYS A 195 12.68 -37.89 4.20
CA LYS A 195 14.10 -37.70 3.97
C LYS A 195 14.42 -37.60 2.48
N GLU A 196 13.87 -38.51 1.68
CA GLU A 196 14.09 -38.46 0.23
C GLU A 196 13.39 -37.26 -0.41
N LEU A 197 12.19 -36.93 0.05
CA LEU A 197 11.50 -35.71 -0.40
C LEU A 197 12.41 -34.49 -0.20
N LEU A 198 12.90 -34.30 1.02
CA LEU A 198 13.69 -33.13 1.35
C LEU A 198 15.06 -33.12 0.66
N MET A 199 15.69 -34.28 0.55
CA MET A 199 16.97 -34.38 -0.18
C MET A 199 16.78 -34.01 -1.64
N GLU A 200 15.69 -34.48 -2.24
CA GLU A 200 15.39 -34.14 -3.62
C GLU A 200 15.07 -32.65 -3.78
N TYR A 201 14.36 -32.09 -2.81
CA TYR A 201 14.01 -30.67 -2.86
C TYR A 201 15.26 -29.80 -2.82
N LEU A 202 16.21 -30.16 -1.95
CA LEU A 202 17.50 -29.47 -1.89
C LEU A 202 18.33 -29.58 -3.17
N ASN A 203 18.37 -30.78 -3.77
CA ASN A 203 19.05 -30.97 -5.06
C ASN A 203 18.40 -30.10 -6.14
N PHE A 204 17.08 -30.19 -6.22
CA PHE A 204 16.25 -29.32 -7.07
C PHE A 204 16.62 -27.83 -6.86
N TRP A 205 16.62 -27.40 -5.60
CA TRP A 205 16.98 -26.02 -5.23
C TRP A 205 18.37 -25.62 -5.73
N GLN A 206 19.34 -26.53 -5.68
CA GLN A 206 20.69 -26.24 -6.19
C GLN A 206 20.64 -26.00 -7.70
N GLN A 207 19.88 -26.82 -8.41
CA GLN A 207 19.72 -26.67 -9.86
C GLN A 207 18.94 -25.42 -10.26
N LYS A 208 17.95 -25.05 -9.44
CA LYS A 208 17.06 -23.93 -9.77
C LYS A 208 16.98 -22.99 -8.58
N THR A 209 18.10 -22.34 -8.28
CA THR A 209 18.25 -21.52 -7.09
C THR A 209 17.52 -20.19 -7.26
N PRO A 210 16.50 -19.94 -6.43
CA PRO A 210 15.74 -18.71 -6.53
C PRO A 210 16.65 -17.48 -6.41
N VAL A 211 16.35 -16.45 -7.21
CA VAL A 211 16.92 -15.13 -7.02
C VAL A 211 15.91 -14.35 -6.18
N ILE A 212 14.69 -14.27 -6.69
CA ILE A 212 13.57 -13.70 -5.95
C ILE A 212 12.75 -14.86 -5.39
N LEU A 213 12.60 -14.88 -4.07
CA LEU A 213 11.82 -15.91 -3.41
C LEU A 213 10.57 -15.29 -2.81
N THR A 214 9.41 -15.79 -3.22
CA THR A 214 8.14 -15.22 -2.76
C THR A 214 7.09 -16.30 -2.50
N GLY A 215 5.86 -15.86 -2.28
CA GLY A 215 4.78 -16.73 -1.81
C GLY A 215 4.07 -16.04 -0.65
N TRP A 216 3.10 -16.72 -0.06
CA TRP A 216 2.28 -16.11 0.97
C TRP A 216 2.75 -16.51 2.36
N ASN A 217 3.21 -15.53 3.14
CA ASN A 217 3.72 -15.78 4.49
C ASN A 217 5.02 -16.61 4.53
N VAL A 218 5.74 -16.67 3.41
CA VAL A 218 6.95 -17.48 3.32
C VAL A 218 8.01 -17.10 4.34
N GLU A 219 8.11 -15.80 4.65
CA GLU A 219 9.14 -15.32 5.56
C GLU A 219 8.91 -15.82 6.98
N SER A 220 7.65 -15.91 7.38
CA SER A 220 7.32 -16.28 8.76
C SER A 220 6.93 -17.75 8.95
N PHE A 221 6.59 -18.44 7.87
CA PHE A 221 6.27 -19.87 7.97
C PHE A 221 7.12 -20.77 7.08
N ALA A 222 6.91 -20.74 5.76
CA ALA A 222 7.51 -21.73 4.86
C ALA A 222 9.04 -21.79 4.94
N ILE A 223 9.69 -20.64 4.88
CA ILE A 223 11.17 -20.59 4.90
C ILE A 223 11.73 -21.10 6.25
N PRO A 224 11.34 -20.49 7.38
CA PRO A 224 11.90 -20.98 8.64
C PRO A 224 11.49 -22.43 8.95
N TYR A 225 10.32 -22.87 8.49
CA TYR A 225 9.94 -24.27 8.71
C TYR A 225 10.84 -25.23 7.92
N VAL A 226 11.04 -24.94 6.63
CA VAL A 226 11.88 -25.78 5.78
C VAL A 226 13.31 -25.83 6.32
N TYR A 227 13.86 -24.65 6.64
CA TYR A 227 15.20 -24.54 7.19
C TYR A 227 15.34 -25.34 8.48
N ASN A 228 14.41 -25.14 9.42
CA ASN A 228 14.50 -25.85 10.71
C ASN A 228 14.22 -27.34 10.64
N ARG A 229 13.31 -27.74 9.76
CA ARG A 229 13.03 -29.17 9.54
C ARG A 229 14.25 -29.89 8.98
N ILE A 230 14.83 -29.34 7.92
CA ILE A 230 16.09 -29.86 7.35
C ILE A 230 17.20 -29.87 8.41
N LYS A 231 17.34 -28.78 9.15
CA LYS A 231 18.32 -28.70 10.25
C LYS A 231 18.15 -29.86 11.25
N ASN A 232 16.90 -30.11 11.68
CA ASN A 232 16.62 -31.17 12.65
C ASN A 232 16.91 -32.59 12.14
N ILE A 233 16.63 -32.84 10.86
CA ILE A 233 16.81 -34.16 10.27
C ILE A 233 18.27 -34.42 9.83
N PHE A 234 18.84 -33.48 9.10
CA PHE A 234 20.15 -33.67 8.45
C PHE A 234 21.29 -32.90 9.11
N GLY A 235 20.96 -31.84 9.83
CA GLY A 235 21.97 -30.98 10.44
C GLY A 235 21.99 -29.60 9.82
N GLU A 236 22.55 -28.66 10.56
CA GLU A 236 22.58 -27.25 10.19
C GLU A 236 23.27 -26.99 8.84
N SER A 237 24.37 -27.68 8.60
CA SER A 237 25.17 -27.51 7.38
C SER A 237 24.37 -27.86 6.11
N THR A 238 23.51 -28.87 6.22
CA THR A 238 22.64 -29.26 5.12
C THR A 238 21.57 -28.19 4.89
N ALA A 239 21.00 -27.69 5.98
CA ALA A 239 19.99 -26.62 5.92
C ALA A 239 20.54 -25.37 5.23
N LYS A 240 21.82 -25.09 5.44
CA LYS A 240 22.47 -23.92 4.83
CA LYS A 240 22.50 -23.93 4.84
C LYS A 240 22.65 -24.04 3.32
N ARG A 241 22.36 -25.23 2.77
CA ARG A 241 22.36 -25.44 1.32
C ARG A 241 21.24 -24.63 0.65
N LEU A 242 20.30 -24.14 1.46
CA LEU A 242 19.26 -23.23 0.97
C LEU A 242 19.83 -21.86 0.61
N SER A 243 21.04 -21.57 1.07
CA SER A 243 21.77 -20.37 0.66
C SER A 243 22.82 -20.76 -0.37
N PRO A 244 22.85 -20.05 -1.53
CA PRO A 244 23.88 -20.35 -2.54
C PRO A 244 25.31 -20.08 -2.05
N HIS A 245 25.46 -19.28 -1.00
CA HIS A 245 26.78 -19.04 -0.41
C HIS A 245 26.98 -19.82 0.90
N ARG A 246 26.01 -20.66 1.22
CA ARG A 246 26.02 -21.51 2.43
C ARG A 246 26.09 -20.69 3.72
N LYS A 247 25.51 -19.50 3.69
CA LYS A 247 25.49 -18.64 4.86
C LYS A 247 24.08 -18.17 5.17
N THR A 248 23.70 -18.32 6.44
CA THR A 248 22.39 -17.90 6.93
C THR A 248 22.53 -17.13 8.24
N ARG A 249 21.52 -16.32 8.56
CA ARG A 249 21.41 -15.70 9.87
C ARG A 249 20.05 -16.01 10.47
N VAL A 250 20.05 -16.47 11.71
CA VAL A 250 18.82 -16.80 12.42
C VAL A 250 18.49 -15.70 13.42
N LYS A 251 17.35 -15.04 13.21
CA LYS A 251 16.91 -13.99 14.12
C LYS A 251 15.70 -14.47 14.94
N VAL A 252 15.90 -14.57 16.26
CA VAL A 252 14.87 -15.06 17.18
C VAL A 252 14.16 -13.87 17.86
N ILE A 253 12.85 -13.78 17.66
CA ILE A 253 12.06 -12.68 18.25
C ILE A 253 11.60 -13.01 19.69
N GLU A 254 10.97 -14.17 19.86
CA GLU A 254 10.61 -14.72 21.18
C GLU A 254 9.92 -13.74 22.14
N ASN A 255 8.60 -13.61 22.02
CA ASN A 255 7.79 -12.76 22.91
C ASN A 255 6.29 -12.92 22.68
N MET A 256 5.58 -13.63 23.56
CA MET A 256 6.13 -14.38 24.70
C MET A 256 5.44 -15.74 24.86
N TYR A 257 4.45 -15.99 24.01
CA TYR A 257 3.67 -17.24 24.04
C TYR A 257 4.45 -18.37 23.36
N GLY A 258 5.31 -17.98 22.42
CA GLY A 258 6.15 -18.93 21.69
C GLY A 258 7.24 -18.22 20.91
N SER A 259 8.39 -18.86 20.79
CA SER A 259 9.53 -18.29 20.06
C SER A 259 9.35 -18.44 18.56
N ARG A 260 9.35 -17.32 17.85
CA ARG A 260 9.36 -17.31 16.40
C ARG A 260 10.75 -16.92 15.92
N GLU A 261 11.09 -17.31 14.69
CA GLU A 261 12.35 -16.88 14.08
C GLU A 261 12.27 -16.55 12.59
N ILE A 262 13.10 -15.59 12.19
CA ILE A 262 13.26 -15.20 10.80
C ILE A 262 14.66 -15.61 10.32
N ILE A 263 14.71 -16.28 9.18
CA ILE A 263 15.96 -16.79 8.63
C ILE A 263 16.38 -15.94 7.43
N THR A 264 17.58 -15.40 7.48
CA THR A 264 18.15 -14.70 6.35
C THR A 264 18.97 -15.69 5.53
N LEU A 265 18.62 -15.82 4.25
CA LEU A 265 19.33 -16.68 3.33
C LEU A 265 20.19 -15.81 2.44
N PHE A 266 21.49 -15.78 2.73
CA PHE A 266 22.42 -14.96 1.96
C PHE A 266 22.45 -15.40 0.51
N GLY A 267 22.31 -14.44 -0.39
CA GLY A 267 22.35 -14.71 -1.83
C GLY A 267 20.98 -14.95 -2.43
N ILE A 268 19.94 -14.88 -1.59
CA ILE A 268 18.55 -14.88 -2.06
C ILE A 268 17.85 -13.56 -1.66
N SER A 269 16.95 -13.07 -2.50
CA SER A 269 16.14 -11.90 -2.18
C SER A 269 14.72 -12.35 -1.90
N VAL A 270 14.38 -12.46 -0.63
CA VAL A 270 13.05 -12.82 -0.19
C VAL A 270 12.12 -11.61 -0.22
N LEU A 271 11.04 -11.71 -0.98
CA LEU A 271 9.98 -10.69 -1.01
C LEU A 271 8.67 -11.41 -0.73
N ASP A 272 8.38 -11.58 0.56
CA ASP A 272 7.15 -12.24 1.00
C ASP A 272 5.97 -11.47 0.40
N TYR A 273 5.08 -12.15 -0.31
CA TYR A 273 4.04 -11.43 -1.04
C TYR A 273 3.09 -10.69 -0.10
N ILE A 274 2.95 -11.21 1.11
CA ILE A 274 2.17 -10.55 2.13
C ILE A 274 2.74 -9.13 2.42
N ASP A 275 4.06 -9.03 2.47
CA ASP A 275 4.72 -7.73 2.73
C ASP A 275 4.66 -6.80 1.52
N LEU A 276 4.83 -7.37 0.32
CA LEU A 276 4.64 -6.60 -0.92
C LEU A 276 3.22 -6.04 -0.98
N TYR A 277 2.23 -6.90 -0.71
CA TYR A 277 0.84 -6.49 -0.74
C TYR A 277 0.57 -5.34 0.24
N LYS A 278 1.02 -5.48 1.48
CA LYS A 278 0.85 -4.44 2.49
C LYS A 278 1.52 -3.11 2.10
N LYS A 279 2.71 -3.18 1.50
CA LYS A 279 3.44 -1.97 1.15
C LYS A 279 2.88 -1.26 -0.09
N PHE A 280 2.51 -2.05 -1.10
CA PHE A 280 2.23 -1.53 -2.44
C PHE A 280 0.75 -1.46 -2.86
N SER A 281 -0.14 -2.12 -2.12
CA SER A 281 -1.55 -2.23 -2.53
C SER A 281 -2.41 -1.04 -2.11
N PHE A 282 -1.99 -0.34 -1.07
CA PHE A 282 -2.80 0.72 -0.45
C PHE A 282 -4.23 0.30 -0.11
N THR A 283 -4.32 -0.88 0.49
CA THR A 283 -5.55 -1.32 1.14
C THR A 283 -5.25 -1.46 2.63
N ASN A 284 -6.28 -1.45 3.45
CA ASN A 284 -6.16 -2.05 4.77
C ASN A 284 -7.26 -3.08 4.89
N GLN A 285 -6.85 -4.34 4.96
CA GLN A 285 -7.78 -5.46 4.94
C GLN A 285 -8.11 -5.92 6.35
N PRO A 286 -9.33 -6.44 6.57
CA PRO A 286 -9.64 -6.97 7.90
C PRO A 286 -8.95 -8.30 8.18
N SER A 287 -8.47 -8.96 7.11
CA SER A 287 -7.80 -10.24 7.20
C SER A 287 -6.77 -10.34 6.09
N TYR A 288 -5.68 -11.06 6.37
CA TYR A 288 -4.64 -11.34 5.39
C TYR A 288 -4.42 -12.83 5.11
N SER A 289 -5.45 -13.63 5.30
CA SER A 289 -5.43 -15.00 4.81
C SER A 289 -5.43 -14.93 3.30
N LEU A 290 -4.78 -15.90 2.66
CA LEU A 290 -4.75 -15.96 1.20
C LEU A 290 -6.15 -16.12 0.61
N ASP A 291 -7.01 -16.88 1.27
CA ASP A 291 -8.43 -17.00 0.87
C ASP A 291 -9.13 -15.63 0.80
N TYR A 292 -8.95 -14.83 1.85
CA TYR A 292 -9.59 -13.51 1.90
C TYR A 292 -9.06 -12.61 0.79
N ILE A 293 -7.75 -12.53 0.66
CA ILE A 293 -7.13 -11.62 -0.30
C ILE A 293 -7.41 -12.05 -1.74
N SER A 294 -7.41 -13.36 -1.97
CA SER A 294 -7.73 -13.91 -3.30
C SER A 294 -9.15 -13.59 -3.72
N GLU A 295 -10.09 -13.69 -2.77
CA GLU A 295 -11.48 -13.31 -3.03
C GLU A 295 -11.60 -11.81 -3.32
N PHE A 296 -10.94 -11.00 -2.50
CA PHE A 296 -10.94 -9.54 -2.70
C PHE A 296 -10.37 -9.14 -4.07
N GLU A 297 -9.23 -9.72 -4.43
CA GLU A 297 -8.47 -9.32 -5.62
C GLU A 297 -8.98 -9.92 -6.93
N LEU A 298 -9.41 -11.18 -6.86
CA LEU A 298 -9.71 -11.99 -8.04
C LEU A 298 -11.16 -12.44 -8.16
N ASN A 299 -11.95 -12.22 -7.11
CA ASN A 299 -13.34 -12.69 -7.06
C ASN A 299 -13.44 -14.21 -7.24
N VAL A 300 -12.50 -14.92 -6.66
CA VAL A 300 -12.54 -16.39 -6.63
C VAL A 300 -13.01 -16.83 -5.24
N GLY A 301 -13.78 -17.91 -5.21
CA GLY A 301 -14.35 -18.42 -3.95
C GLY A 301 -13.32 -19.10 -3.06
N LYS A 302 -13.62 -19.16 -1.77
CA LYS A 302 -12.78 -19.81 -0.77
C LYS A 302 -12.52 -21.27 -1.16
N LEU A 303 -11.32 -21.76 -0.87
CA LEU A 303 -11.02 -23.17 -1.08
C LEU A 303 -11.72 -24.01 -0.01
N LYS A 304 -12.81 -24.64 -0.40
CA LYS A 304 -13.69 -25.35 0.53
C LYS A 304 -13.23 -26.78 0.81
N TYR A 305 -13.22 -27.15 2.09
CA TYR A 305 -12.96 -28.53 2.52
C TYR A 305 -13.67 -28.85 3.84
N ASP A 306 -13.93 -30.13 4.07
CA ASP A 306 -14.59 -30.60 5.28
C ASP A 306 -13.58 -30.94 6.38
N GLY A 307 -13.95 -30.62 7.62
CA GLY A 307 -13.11 -30.92 8.79
C GLY A 307 -11.92 -30.00 8.94
N PRO A 308 -11.13 -30.19 10.02
CA PRO A 308 -9.97 -29.35 10.29
C PRO A 308 -8.79 -29.66 9.36
N ILE A 309 -7.90 -28.69 9.18
CA ILE A 309 -6.74 -28.86 8.30
C ILE A 309 -5.81 -29.99 8.78
N SER A 310 -5.77 -30.22 10.09
CA SER A 310 -4.98 -31.29 10.69
C SER A 310 -5.42 -32.68 10.27
N LYS A 311 -6.65 -32.78 9.76
CA LYS A 311 -7.21 -34.07 9.34
C LYS A 311 -7.46 -34.14 7.83
N LEU A 312 -7.14 -33.06 7.11
CA LEU A 312 -7.41 -33.00 5.68
C LEU A 312 -6.56 -33.98 4.86
N ARG A 313 -5.28 -34.10 5.19
CA ARG A 313 -4.42 -35.02 4.46
C ARG A 313 -4.91 -36.46 4.57
N GLU A 314 -5.22 -36.92 5.79
CA GLU A 314 -5.69 -38.28 5.99
C GLU A 314 -7.07 -38.55 5.38
N SER A 315 -7.99 -37.59 5.54
CA SER A 315 -9.36 -37.77 5.04
C SER A 315 -9.49 -37.52 3.53
N ASN A 316 -8.72 -36.57 3.01
CA ASN A 316 -8.82 -36.18 1.60
C ASN A 316 -7.49 -35.65 1.05
N HIS A 317 -6.52 -36.55 0.98
CA HIS A 317 -5.20 -36.25 0.43
C HIS A 317 -5.28 -35.67 -0.97
N GLN A 318 -6.20 -36.17 -1.78
CA GLN A 318 -6.45 -35.63 -3.12
C GLN A 318 -6.65 -34.10 -3.07
N ARG A 319 -7.62 -33.65 -2.27
CA ARG A 319 -7.90 -32.23 -2.15
C ARG A 319 -6.73 -31.47 -1.51
N TYR A 320 -6.12 -32.09 -0.50
CA TYR A 320 -4.97 -31.54 0.23
C TYR A 320 -3.86 -31.05 -0.70
N ILE A 321 -3.48 -31.89 -1.67
CA ILE A 321 -2.45 -31.56 -2.64
C ILE A 321 -2.93 -30.52 -3.66
N SER A 322 -4.13 -30.71 -4.19
CA SER A 322 -4.71 -29.74 -5.12
C SER A 322 -4.76 -28.34 -4.54
N TYR A 323 -5.11 -28.25 -3.25
CA TYR A 323 -5.24 -26.96 -2.58
C TYR A 323 -3.89 -26.31 -2.34
N ASN A 324 -2.87 -27.13 -2.08
CA ASN A 324 -1.49 -26.65 -1.98
C ASN A 324 -1.05 -26.04 -3.31
N ILE A 325 -1.38 -26.70 -4.41
CA ILE A 325 -1.07 -26.21 -5.77
C ILE A 325 -1.80 -24.90 -6.08
N ILE A 326 -3.12 -24.89 -5.86
CA ILE A 326 -3.94 -23.71 -6.16
C ILE A 326 -3.51 -22.49 -5.34
N ALA A 327 -3.12 -22.72 -4.09
CA ALA A 327 -2.62 -21.65 -3.23
C ALA A 327 -1.40 -20.95 -3.82
N VAL A 328 -0.46 -21.72 -4.38
CA VAL A 328 0.71 -21.14 -5.02
C VAL A 328 0.29 -20.34 -6.26
N TYR A 329 -0.59 -20.93 -7.08
CA TYR A 329 -1.11 -20.27 -8.27
C TYR A 329 -1.84 -18.95 -7.96
N ARG A 330 -2.61 -18.92 -6.89
CA ARG A 330 -3.35 -17.71 -6.52
C ARG A 330 -2.46 -16.49 -6.30
N VAL A 331 -1.30 -16.68 -5.71
CA VAL A 331 -0.34 -15.58 -5.55
C VAL A 331 0.17 -15.08 -6.91
N LEU A 332 0.45 -16.01 -7.82
CA LEU A 332 0.81 -15.65 -9.19
C LEU A 332 -0.30 -14.88 -9.89
N GLN A 333 -1.55 -15.27 -9.65
CA GLN A 333 -2.69 -14.58 -10.23
C GLN A 333 -2.81 -13.15 -9.67
N ILE A 334 -2.61 -13.01 -8.37
CA ILE A 334 -2.63 -11.69 -7.74
C ILE A 334 -1.51 -10.81 -8.33
N ASP A 335 -0.32 -11.38 -8.51
CA ASP A 335 0.79 -10.61 -9.08
C ASP A 335 0.59 -10.25 -10.56
N ALA A 336 -0.05 -11.14 -11.31
CA ALA A 336 -0.37 -10.85 -12.71
C ALA A 336 -1.25 -9.61 -12.81
N LYS A 337 -2.15 -9.44 -11.85
CA LYS A 337 -3.00 -8.26 -11.75
C LYS A 337 -2.24 -7.04 -11.23
N ARG A 338 -1.61 -7.20 -10.06
CA ARG A 338 -1.06 -6.08 -9.29
C ARG A 338 0.34 -5.65 -9.74
N GLN A 339 1.13 -6.63 -10.19
CA GLN A 339 2.47 -6.38 -10.76
C GLN A 339 3.47 -5.78 -9.74
N PHE A 340 3.44 -6.31 -8.52
CA PHE A 340 4.33 -5.86 -7.46
C PHE A 340 5.76 -6.39 -7.60
N ILE A 341 5.92 -7.60 -8.15
CA ILE A 341 7.27 -8.13 -8.42
C ILE A 341 7.95 -7.25 -9.48
N ASN A 342 7.22 -6.95 -10.56
CA ASN A 342 7.68 -6.02 -11.59
C ASN A 342 8.12 -4.68 -11.00
N LEU A 343 7.27 -4.11 -10.14
CA LEU A 343 7.58 -2.86 -9.47
C LEU A 343 8.87 -2.95 -8.65
N SER A 344 9.03 -4.05 -7.93
CA SER A 344 10.14 -4.25 -7.02
C SER A 344 11.45 -4.29 -7.81
N LEU A 345 11.43 -5.07 -8.89
CA LEU A 345 12.56 -5.12 -9.82
C LEU A 345 12.87 -3.76 -10.43
N ASP A 346 11.86 -3.08 -11.00
CA ASP A 346 12.05 -1.74 -11.55
C ASP A 346 12.76 -0.82 -10.56
N MET A 347 12.21 -0.75 -9.34
CA MET A 347 12.71 0.15 -8.29
C MET A 347 14.09 -0.26 -7.78
N GLY A 348 14.28 -1.56 -7.54
CA GLY A 348 15.57 -2.08 -7.08
C GLY A 348 16.72 -1.77 -8.03
N TYR A 349 16.53 -2.02 -9.32
CA TYR A 349 17.58 -1.76 -10.30
C TYR A 349 17.81 -0.28 -10.59
N TYR A 350 16.74 0.51 -10.54
CA TYR A 350 16.83 1.96 -10.65
C TYR A 350 17.74 2.54 -9.57
N ALA A 351 17.53 2.10 -8.32
CA ALA A 351 18.30 2.57 -7.18
C ALA A 351 19.70 1.95 -7.06
N LYS A 352 19.87 0.77 -7.65
CA LYS A 352 21.08 -0.07 -7.48
C LYS A 352 21.24 -0.55 -6.03
N ILE A 353 20.21 -1.25 -5.57
CA ILE A 353 20.15 -1.82 -4.23
C ILE A 353 19.80 -3.30 -4.31
N GLN A 354 19.99 -4.03 -3.21
CA GLN A 354 19.40 -5.36 -3.09
C GLN A 354 17.91 -5.20 -3.33
N ILE A 355 17.31 -6.12 -4.10
CA ILE A 355 15.88 -5.98 -4.43
C ILE A 355 15.01 -5.90 -3.18
N GLN A 356 15.33 -6.67 -2.14
CA GLN A 356 14.54 -6.64 -0.89
C GLN A 356 14.58 -5.27 -0.17
N SER A 357 15.53 -4.41 -0.54
CA SER A 357 15.63 -3.07 0.04
C SER A 357 14.56 -2.08 -0.46
N VAL A 358 13.73 -2.51 -1.43
CA VAL A 358 12.61 -1.69 -1.87
C VAL A 358 11.63 -1.41 -0.73
N PHE A 359 11.68 -2.27 0.31
CA PHE A 359 10.86 -2.07 1.50
C PHE A 359 11.30 -0.85 2.31
N SER A 360 12.51 -0.36 2.03
CA SER A 360 13.08 0.77 2.77
C SER A 360 13.27 2.00 1.88
N PRO A 361 12.39 3.01 2.00
CA PRO A 361 12.59 4.26 1.26
C PRO A 361 13.92 4.93 1.61
N ILE A 362 14.38 4.77 2.86
CA ILE A 362 15.67 5.36 3.27
C ILE A 362 16.86 4.71 2.54
N LYS A 363 16.87 3.39 2.46
CA LYS A 363 17.95 2.69 1.74
C LYS A 363 17.90 3.02 0.24
N THR A 364 16.70 3.02 -0.34
CA THR A 364 16.46 3.34 -1.75
C THR A 364 16.98 4.75 -2.10
N TRP A 365 16.57 5.76 -1.33
CA TRP A 365 17.03 7.12 -1.56
C TRP A 365 18.50 7.32 -1.25
N ASP A 366 19.01 6.69 -0.20
CA ASP A 366 20.46 6.76 0.05
C ASP A 366 21.25 6.29 -1.17
N ALA A 367 20.82 5.18 -1.76
CA ALA A 367 21.48 4.63 -2.93
C ALA A 367 21.33 5.52 -4.17
N ILE A 368 20.12 6.00 -4.43
CA ILE A 368 19.88 6.89 -5.57
C ILE A 368 20.77 8.14 -5.49
N ILE A 369 20.75 8.78 -4.31
CA ILE A 369 21.49 10.03 -4.10
C ILE A 369 23.00 9.78 -4.16
N PHE A 370 23.45 8.67 -3.58
CA PHE A 370 24.87 8.28 -3.62
C PHE A 370 25.37 8.11 -5.05
N ASN A 371 24.64 7.32 -5.84
CA ASN A 371 25.00 7.13 -7.26
C ASN A 371 25.04 8.44 -8.07
N SER A 372 24.08 9.32 -7.78
CA SER A 372 23.97 10.61 -8.44
C SER A 372 25.19 11.48 -8.13
N LEU A 373 25.52 11.59 -6.85
CA LEU A 373 26.67 12.40 -6.42
C LEU A 373 28.00 11.82 -6.89
N LYS A 374 28.11 10.50 -6.86
CA LYS A 374 29.33 9.80 -7.29
C LYS A 374 29.68 10.12 -8.75
N GLU A 375 28.67 10.23 -9.61
CA GLU A 375 28.87 10.59 -11.01
C GLU A 375 29.56 11.94 -11.22
N GLN A 376 29.35 12.83 -10.27
CA GLN A 376 29.97 14.16 -10.26
C GLN A 376 31.26 14.20 -9.45
N ASN A 377 31.75 13.03 -9.04
CA ASN A 377 32.94 12.89 -8.17
C ASN A 377 32.75 13.55 -6.80
N LYS A 378 31.50 13.64 -6.35
CA LYS A 378 31.19 14.23 -5.06
C LYS A 378 31.19 13.13 -4.00
N VAL A 379 31.45 13.53 -2.77
CA VAL A 379 31.59 12.59 -1.65
C VAL A 379 30.46 12.80 -0.65
N ILE A 380 29.72 11.72 -0.34
CA ILE A 380 28.57 11.81 0.56
C ILE A 380 28.98 12.00 2.03
N PRO A 381 28.15 12.72 2.81
CA PRO A 381 28.48 12.97 4.21
C PRO A 381 28.33 11.71 5.07
N GLN A 382 29.03 11.66 6.20
CA GLN A 382 28.84 10.58 7.15
C GLN A 382 27.48 10.70 7.82
N GLY A 383 26.83 9.56 8.05
CA GLY A 383 25.60 9.53 8.82
C GLY A 383 25.90 9.90 10.25
N ARG A 384 24.99 10.65 10.87
CA ARG A 384 25.18 11.11 12.25
C ARG A 384 24.00 10.75 13.12
N SER A 385 24.22 10.78 14.43
CA SER A 385 23.20 10.52 15.44
C SER A 385 22.36 11.78 15.67
N HIS A 386 21.04 11.61 15.70
CA HIS A 386 20.13 12.72 16.02
C HIS A 386 19.05 12.28 16.99
N PRO A 387 18.73 13.13 17.99
CA PRO A 387 17.59 12.80 18.84
C PRO A 387 16.28 12.97 18.07
N VAL A 388 15.30 12.11 18.33
CA VAL A 388 13.98 12.24 17.70
C VAL A 388 13.29 13.52 18.21
N GLN A 389 12.85 14.36 17.27
CA GLN A 389 12.17 15.61 17.61
C GLN A 389 10.89 15.76 16.79
N PRO A 390 9.74 15.93 17.47
CA PRO A 390 8.50 16.22 16.74
C PRO A 390 8.62 17.52 15.96
N TYR A 391 7.95 17.61 14.82
CA TYR A 391 7.95 18.83 14.02
C TYR A 391 6.61 19.03 13.32
N PRO A 392 6.31 20.28 12.90
CA PRO A 392 4.96 20.53 12.36
C PRO A 392 4.76 20.04 10.93
N GLY A 393 3.53 19.60 10.65
CA GLY A 393 3.16 19.09 9.35
C GLY A 393 2.22 20.02 8.61
N ALA A 394 1.16 19.44 8.07
CA ALA A 394 0.23 20.16 7.21
C ALA A 394 -0.86 20.90 7.97
N PHE A 395 -1.55 21.79 7.27
CA PHE A 395 -2.71 22.49 7.78
C PHE A 395 -3.99 21.82 7.32
N VAL A 396 -4.95 21.69 8.23
CA VAL A 396 -6.29 21.21 7.90
C VAL A 396 -7.33 22.20 8.43
N LYS A 397 -8.20 22.67 7.55
CA LYS A 397 -9.27 23.63 7.90
C LYS A 397 -10.39 22.94 8.68
N GLU A 398 -10.92 23.61 9.69
CA GLU A 398 -12.09 23.11 10.42
C GLU A 398 -13.34 23.41 9.61
N PRO A 399 -14.04 22.37 9.13
CA PRO A 399 -15.23 22.66 8.35
C PRO A 399 -16.45 22.87 9.25
N ILE A 400 -17.40 23.68 8.79
CA ILE A 400 -18.68 23.77 9.46
C ILE A 400 -19.48 22.51 9.14
N PRO A 401 -19.85 21.72 10.17
CA PRO A 401 -20.56 20.49 9.85
C PRO A 401 -21.91 20.83 9.23
N ASN A 402 -22.18 20.25 8.07
CA ASN A 402 -23.39 20.58 7.31
C ASN A 402 -23.54 19.69 6.11
N ARG A 403 -24.71 19.75 5.49
CA ARG A 403 -24.89 19.25 4.13
C ARG A 403 -24.32 20.30 3.20
N TYR A 404 -23.71 19.86 2.09
CA TYR A 404 -23.19 20.77 1.06
C TYR A 404 -23.66 20.30 -0.31
N LYS A 405 -24.52 21.10 -0.94
CA LYS A 405 -25.22 20.66 -2.14
C LYS A 405 -24.32 20.52 -3.36
N TYR A 406 -23.71 21.62 -3.81
CA TYR A 406 -22.82 21.60 -4.95
C TYR A 406 -21.40 21.88 -4.48
N VAL A 407 -20.48 20.97 -4.82
CA VAL A 407 -19.08 21.10 -4.40
C VAL A 407 -18.15 20.85 -5.59
N MET A 408 -17.14 21.69 -5.71
CA MET A 408 -16.03 21.45 -6.62
C MET A 408 -14.74 21.48 -5.82
N SER A 409 -13.91 20.46 -6.00
CA SER A 409 -12.66 20.38 -5.27
C SER A 409 -11.47 20.61 -6.20
N PHE A 410 -10.36 21.07 -5.63
CA PHE A 410 -9.13 21.35 -6.38
C PHE A 410 -7.97 20.87 -5.53
N ASP A 411 -6.93 20.39 -6.19
CA ASP A 411 -5.84 19.73 -5.49
C ASP A 411 -4.51 20.01 -6.21
N LEU A 412 -3.45 20.18 -5.43
CA LEU A 412 -2.11 20.45 -5.96
C LEU A 412 -1.41 19.17 -6.39
N THR A 413 -0.85 19.17 -7.61
CA THR A 413 -0.08 18.03 -8.11
C THR A 413 1.14 17.75 -7.24
N SER A 414 1.28 16.49 -6.82
CA SER A 414 2.48 16.03 -6.09
C SER A 414 3.08 17.11 -5.20
N LEU A 415 2.34 17.53 -4.17
CA LEU A 415 2.70 18.77 -3.47
C LEU A 415 4.11 18.81 -2.89
N TYR A 416 4.43 17.87 -2.02
CA TYR A 416 5.71 17.97 -1.29
C TYR A 416 6.92 17.89 -2.23
N PRO A 417 6.92 16.94 -3.19
CA PRO A 417 7.98 16.94 -4.20
C PRO A 417 8.01 18.23 -5.05
N SER A 418 6.85 18.78 -5.38
CA SER A 418 6.77 20.06 -6.10
C SER A 418 7.33 21.22 -5.29
N ILE A 419 7.09 21.24 -3.98
CA ILE A 419 7.68 22.24 -3.10
C ILE A 419 9.21 22.13 -3.09
N ILE A 420 9.70 20.91 -2.92
CA ILE A 420 11.14 20.62 -3.01
C ILE A 420 11.76 21.22 -4.28
N ARG A 421 11.08 20.99 -5.40
CA ARG A 421 11.57 21.42 -6.71
C ARG A 421 11.45 22.94 -6.89
N GLN A 422 10.32 23.49 -6.47
CA GLN A 422 10.04 24.93 -6.58
C GLN A 422 11.02 25.77 -5.77
N VAL A 423 11.20 25.39 -4.51
CA VAL A 423 12.00 26.13 -3.56
C VAL A 423 13.48 25.79 -3.73
N ASN A 424 13.76 24.59 -4.23
CA ASN A 424 15.12 24.05 -4.42
C ASN A 424 15.75 23.59 -3.12
N ILE A 425 15.01 22.71 -2.42
CA ILE A 425 15.36 22.24 -1.10
C ILE A 425 16.24 20.99 -1.21
N SER A 426 17.46 21.09 -0.69
CA SER A 426 18.46 20.04 -0.78
C SER A 426 19.46 20.33 0.34
N PRO A 427 20.19 19.31 0.83
CA PRO A 427 21.21 19.57 1.84
C PRO A 427 22.25 20.62 1.40
N GLU A 428 22.64 20.58 0.12
CA GLU A 428 23.75 21.42 -0.37
C GLU A 428 23.32 22.75 -1.02
N THR A 429 22.02 23.05 -1.03
CA THR A 429 21.53 24.31 -1.63
C THR A 429 21.10 25.36 -0.59
N ILE A 430 21.35 25.08 0.68
CA ILE A 430 21.05 26.04 1.74
C ILE A 430 21.94 27.29 1.61
N ALA A 431 21.29 28.44 1.45
CA ALA A 431 22.02 29.71 1.32
C ALA A 431 22.06 30.52 2.60
N GLY A 432 21.10 30.28 3.49
CA GLY A 432 21.07 30.97 4.78
C GLY A 432 19.66 31.03 5.37
N THR A 433 19.43 32.03 6.22
CA THR A 433 18.13 32.21 6.85
C THR A 433 17.64 33.65 6.75
N PHE A 434 16.36 33.85 7.02
CA PHE A 434 15.78 35.18 7.18
C PHE A 434 14.89 35.18 8.42
N LYS A 435 14.63 36.36 8.96
CA LYS A 435 13.80 36.52 10.14
C LYS A 435 12.33 36.31 9.81
N VAL A 436 11.71 35.30 10.41
CA VAL A 436 10.33 34.92 10.11
C VAL A 436 9.30 35.86 10.73
N ALA A 437 8.21 36.08 9.98
CA ALA A 437 7.03 36.73 10.51
C ALA A 437 6.05 35.59 10.84
N PRO A 438 4.95 35.90 11.56
CA PRO A 438 3.92 34.90 11.76
C PRO A 438 3.40 34.40 10.41
N LEU A 439 3.09 33.10 10.31
CA LEU A 439 2.65 32.50 9.05
C LEU A 439 1.48 33.28 8.43
N HIS A 440 0.52 33.65 9.27
CA HIS A 440 -0.65 34.44 8.85
C HIS A 440 -0.25 35.68 8.05
N ASP A 441 0.89 36.28 8.39
CA ASP A 441 1.39 37.46 7.67
C ASP A 441 1.82 37.16 6.23
N TYR A 442 2.36 35.95 6.00
CA TYR A 442 2.69 35.53 4.63
C TYR A 442 1.44 35.17 3.85
N ILE A 443 0.54 34.42 4.48
CA ILE A 443 -0.75 34.04 3.90
C ILE A 443 -1.51 35.26 3.40
N ASN A 444 -1.44 36.35 4.14
CA ASN A 444 -2.14 37.58 3.81
C ASN A 444 -1.30 38.61 3.07
N ALA A 445 -0.08 38.24 2.72
CA ALA A 445 0.83 39.08 1.94
C ALA A 445 1.16 40.43 2.59
N VAL A 446 1.24 40.45 3.92
CA VAL A 446 1.59 41.67 4.63
C VAL A 446 3.02 41.65 5.20
N ALA A 447 3.59 40.45 5.30
CA ALA A 447 4.98 40.29 5.76
C ALA A 447 5.95 40.80 4.69
N GLU A 448 7.10 41.27 5.13
CA GLU A 448 8.18 41.68 4.24
C GLU A 448 8.62 40.52 3.35
N ARG A 449 8.90 40.80 2.08
CA ARG A 449 9.43 39.80 1.18
C ARG A 449 10.73 39.24 1.77
N PRO A 450 10.79 37.92 2.00
CA PRO A 450 11.92 37.30 2.68
C PRO A 450 13.28 37.61 2.05
N SER A 451 13.35 37.55 0.72
CA SER A 451 14.60 37.77 0.00
C SER A 451 14.34 38.16 -1.45
N ASP A 452 15.20 39.02 -1.99
CA ASP A 452 15.17 39.33 -3.42
C ASP A 452 16.36 38.68 -4.15
N VAL A 453 17.07 37.81 -3.42
CA VAL A 453 18.23 37.11 -3.96
C VAL A 453 18.03 35.60 -3.98
N TYR A 454 17.53 35.06 -2.86
CA TYR A 454 17.40 33.61 -2.67
C TYR A 454 15.97 33.11 -2.70
N SER A 455 15.82 31.80 -2.89
CA SER A 455 14.52 31.15 -2.94
C SER A 455 14.11 30.71 -1.55
N CYS A 456 12.89 31.04 -1.14
CA CYS A 456 12.53 30.98 0.28
C CYS A 456 11.31 30.13 0.66
N SER A 457 11.31 29.69 1.93
CA SER A 457 10.16 29.04 2.55
C SER A 457 9.79 29.84 3.79
N PRO A 458 8.49 29.95 4.10
CA PRO A 458 8.09 30.75 5.26
C PRO A 458 8.55 30.19 6.63
N ASN A 459 9.31 29.10 6.64
CA ASN A 459 9.94 28.62 7.88
C ASN A 459 11.25 29.34 8.21
N GLY A 460 11.69 30.22 7.33
CA GLY A 460 12.89 31.02 7.56
C GLY A 460 14.11 30.60 6.77
N MET A 461 13.96 29.58 5.94
CA MET A 461 15.07 29.04 5.15
C MET A 461 15.23 29.70 3.78
N MET A 462 16.48 29.89 3.36
CA MET A 462 16.79 30.42 2.03
C MET A 462 17.66 29.43 1.25
N TYR A 463 17.38 29.33 -0.05
CA TYR A 463 18.10 28.40 -0.93
C TYR A 463 18.64 29.10 -2.17
N TYR A 464 19.77 28.60 -2.67
CA TYR A 464 20.31 29.08 -3.94
C TYR A 464 19.33 28.79 -5.08
N LYS A 465 19.18 29.75 -5.98
CA LYS A 465 18.27 29.63 -7.13
C LYS A 465 19.00 29.18 -8.37
N ASP A 466 20.31 29.40 -8.40
CA ASP A 466 21.08 29.27 -9.63
C ASP A 466 21.98 28.04 -9.66
N ARG A 467 21.72 27.10 -8.77
CA ARG A 467 22.41 25.81 -8.82
C ARG A 467 21.51 24.64 -8.50
N ASP A 468 21.88 23.48 -9.07
CA ASP A 468 21.10 22.27 -8.93
C ASP A 468 21.32 21.63 -7.57
N GLY A 469 20.25 21.06 -7.03
CA GLY A 469 20.32 20.29 -5.80
C GLY A 469 20.07 18.84 -6.16
N VAL A 470 20.82 17.94 -5.53
CA VAL A 470 20.68 16.50 -5.79
C VAL A 470 19.30 15.99 -5.40
N VAL A 471 18.73 16.54 -4.34
CA VAL A 471 17.38 16.12 -3.94
C VAL A 471 16.34 16.54 -5.00
N PRO A 472 16.30 17.84 -5.37
CA PRO A 472 15.42 18.23 -6.50
C PRO A 472 15.69 17.45 -7.81
N THR A 473 16.95 17.25 -8.14
CA THR A 473 17.30 16.58 -9.40
C THR A 473 16.73 15.17 -9.44
N GLU A 474 16.99 14.40 -8.39
CA GLU A 474 16.59 13.00 -8.38
C GLU A 474 15.10 12.80 -8.09
N ILE A 475 14.50 13.71 -7.32
CA ILE A 475 13.06 13.62 -7.07
C ILE A 475 12.26 13.91 -8.36
N THR A 476 12.79 14.83 -9.18
CA THR A 476 12.19 15.15 -10.48
C THR A 476 12.16 13.93 -11.43
N LYS A 477 13.24 13.16 -11.47
CA LYS A 477 13.29 11.97 -12.33
C LYS A 477 12.15 10.99 -11.98
N VAL A 478 12.00 10.70 -10.69
CA VAL A 478 10.96 9.76 -10.25
C VAL A 478 9.57 10.36 -10.43
N PHE A 479 9.42 11.66 -10.12
CA PHE A 479 8.15 12.33 -10.38
C PHE A 479 7.71 12.20 -11.86
N ASN A 480 8.65 12.40 -12.79
CA ASN A 480 8.31 12.33 -14.21
C ASN A 480 7.84 10.94 -14.64
N GLN A 481 8.47 9.90 -14.10
CA GLN A 481 7.99 8.51 -14.26
C GLN A 481 6.59 8.33 -13.73
N ARG A 482 6.36 8.84 -12.52
CA ARG A 482 5.05 8.78 -11.87
C ARG A 482 3.98 9.41 -12.76
N LYS A 483 4.29 10.59 -13.30
CA LYS A 483 3.37 11.35 -14.14
C LYS A 483 2.99 10.57 -15.41
N GLU A 484 3.98 9.93 -16.03
CA GLU A 484 3.74 9.11 -17.22
C GLU A 484 2.72 8.01 -16.91
N HIS A 485 2.97 7.26 -15.83
CA HIS A 485 2.11 6.14 -15.47
C HIS A 485 0.71 6.56 -15.01
N LYS A 486 0.62 7.67 -14.29
CA LYS A 486 -0.69 8.19 -13.88
C LYS A 486 -1.52 8.57 -15.11
N GLY A 487 -0.86 9.11 -16.14
CA GLY A 487 -1.48 9.36 -17.44
C GLY A 487 -2.10 8.11 -18.06
N TYR A 488 -1.33 7.02 -18.07
CA TYR A 488 -1.83 5.73 -18.56
C TYR A 488 -3.00 5.22 -17.74
N MET A 489 -2.92 5.39 -16.42
CA MET A 489 -3.99 4.95 -15.51
C MET A 489 -5.29 5.69 -15.79
N LEU A 490 -5.19 7.01 -15.94
CA LEU A 490 -6.37 7.84 -16.15
C LEU A 490 -7.02 7.64 -17.53
N ALA A 491 -6.19 7.46 -18.55
CA ALA A 491 -6.69 7.13 -19.88
C ALA A 491 -7.46 5.81 -19.85
N ALA A 492 -6.90 4.81 -19.17
CA ALA A 492 -7.55 3.49 -19.04
C ALA A 492 -8.88 3.60 -18.29
N GLN A 493 -8.89 4.44 -17.26
CA GLN A 493 -10.09 4.74 -16.50
C GLN A 493 -11.15 5.39 -17.39
N ARG A 494 -10.73 6.36 -18.19
CA ARG A 494 -11.64 7.05 -19.11
C ARG A 494 -12.18 6.08 -20.16
N ASN A 495 -11.29 5.25 -20.69
CA ASN A 495 -11.67 4.21 -21.65
C ASN A 495 -12.68 3.23 -21.07
N GLY A 496 -12.52 2.88 -19.81
CA GLY A 496 -13.47 2.03 -19.08
C GLY A 496 -14.88 2.58 -19.11
N GLU A 497 -15.02 3.88 -18.83
CA GLU A 497 -16.32 4.55 -18.81
C GLU A 497 -16.97 4.58 -20.20
N ILE A 498 -16.14 4.72 -21.23
CA ILE A 498 -16.62 4.62 -22.62
C ILE A 498 -17.27 3.26 -22.86
N ILE A 499 -16.64 2.19 -22.34
CA ILE A 499 -17.13 0.83 -22.50
C ILE A 499 -18.40 0.59 -21.66
N LYS A 500 -18.44 1.15 -20.46
CA LYS A 500 -19.63 1.09 -19.60
C LYS A 500 -20.83 1.79 -20.21
N GLU A 501 -20.60 2.91 -20.90
CA GLU A 501 -21.66 3.63 -21.62
C GLU A 501 -22.20 2.78 -22.77
N ALA A 502 -21.29 2.15 -23.51
CA ALA A 502 -21.66 1.30 -24.65
C ALA A 502 -22.43 0.05 -24.21
N LEU A 503 -22.15 -0.44 -23.01
CA LEU A 503 -22.82 -1.62 -22.46
C LEU A 503 -24.31 -1.43 -22.17
N HIS A 504 -24.77 -0.19 -22.24
CA HIS A 504 -26.21 0.11 -22.13
C HIS A 504 -26.97 -0.33 -23.37
N ASN A 505 -26.28 -0.34 -24.51
CA ASN A 505 -26.87 -0.78 -25.79
C ASN A 505 -25.98 -1.76 -26.54
N PRO A 506 -25.82 -2.99 -26.03
CA PRO A 506 -24.94 -3.95 -26.70
C PRO A 506 -25.61 -4.56 -27.93
N ASN A 507 -24.81 -4.85 -28.96
CA ASN A 507 -25.33 -5.41 -30.20
C ASN A 507 -25.48 -6.93 -30.14
N LEU A 508 -26.51 -7.44 -30.80
CA LEU A 508 -26.71 -8.87 -30.91
C LEU A 508 -25.95 -9.40 -32.11
N SER A 509 -24.67 -9.72 -31.87
CA SER A 509 -23.76 -10.18 -32.93
C SER A 509 -22.62 -11.01 -32.36
N VAL A 510 -21.93 -11.74 -33.23
CA VAL A 510 -20.72 -12.48 -32.88
C VAL A 510 -19.53 -11.67 -33.37
N ASP A 511 -18.75 -11.13 -32.43
CA ASP A 511 -17.58 -10.32 -32.75
C ASP A 511 -16.44 -10.57 -31.76
N GLU A 512 -15.35 -9.82 -31.92
CA GLU A 512 -14.18 -9.95 -31.06
C GLU A 512 -13.87 -8.62 -30.36
N PRO A 513 -13.22 -8.67 -29.18
CA PRO A 513 -12.73 -7.44 -28.58
C PRO A 513 -11.71 -6.77 -29.49
N LEU A 514 -11.72 -5.44 -29.52
CA LEU A 514 -10.81 -4.68 -30.38
C LEU A 514 -9.38 -4.76 -29.87
N ASP A 515 -8.44 -4.86 -30.80
CA ASP A 515 -7.01 -4.86 -30.48
C ASP A 515 -6.57 -3.42 -30.22
N VAL A 516 -6.60 -3.00 -28.96
CA VAL A 516 -6.26 -1.62 -28.60
C VAL A 516 -5.31 -1.53 -27.40
N ASP A 517 -4.60 -0.40 -27.33
CA ASP A 517 -3.76 -0.07 -26.18
C ASP A 517 -4.59 0.83 -25.26
N TYR A 518 -5.00 0.26 -24.13
CA TYR A 518 -5.90 0.94 -23.20
C TYR A 518 -5.25 2.11 -22.44
N ARG A 519 -3.93 2.23 -22.56
CA ARG A 519 -3.18 3.31 -21.90
C ARG A 519 -3.37 4.66 -22.58
N PHE A 520 -4.04 4.66 -23.73
CA PHE A 520 -4.28 5.88 -24.50
C PHE A 520 -5.77 6.04 -24.80
N ASP A 521 -6.26 7.28 -24.71
CA ASP A 521 -7.67 7.58 -24.99
C ASP A 521 -8.06 7.05 -26.36
N PHE A 522 -9.17 6.32 -26.41
CA PHE A 522 -9.70 5.76 -27.65
C PHE A 522 -9.93 6.85 -28.68
N SER A 523 -9.51 6.57 -29.91
CA SER A 523 -9.78 7.44 -31.05
C SER A 523 -11.28 7.44 -31.35
N ASP A 524 -11.73 8.40 -32.15
CA ASP A 524 -13.12 8.44 -32.59
C ASP A 524 -13.52 7.16 -33.33
N GLU A 525 -12.61 6.63 -34.14
CA GLU A 525 -12.87 5.40 -34.90
C GLU A 525 -13.05 4.16 -34.02
N ILE A 526 -12.26 4.05 -32.96
CA ILE A 526 -12.45 2.99 -31.95
C ILE A 526 -13.80 3.13 -31.25
N LYS A 527 -14.15 4.36 -30.88
CA LYS A 527 -15.43 4.63 -30.22
C LYS A 527 -16.62 4.25 -31.10
N GLU A 528 -16.48 4.47 -32.40
CA GLU A 528 -17.51 4.06 -33.34
C GLU A 528 -17.65 2.54 -33.38
N LYS A 529 -16.52 1.83 -33.41
CA LYS A 529 -16.51 0.37 -33.43
C LYS A 529 -17.08 -0.22 -32.14
N ILE A 530 -16.80 0.43 -31.03
CA ILE A 530 -17.30 0.02 -29.71
C ILE A 530 -18.83 0.04 -29.63
N LYS A 531 -19.44 1.05 -30.24
CA LYS A 531 -20.90 1.17 -30.30
C LYS A 531 -21.59 0.07 -31.11
N LYS A 532 -20.82 -0.73 -31.85
CA LYS A 532 -21.35 -1.84 -32.63
C LYS A 532 -21.05 -3.22 -32.00
N LEU A 533 -20.28 -3.23 -30.92
CA LEU A 533 -19.83 -4.50 -30.32
C LEU A 533 -20.90 -5.17 -29.46
N SER A 534 -20.81 -6.50 -29.40
CA SER A 534 -21.65 -7.33 -28.52
C SER A 534 -21.28 -7.13 -27.05
N ALA A 535 -22.17 -7.57 -26.16
CA ALA A 535 -21.94 -7.52 -24.72
C ALA A 535 -20.71 -8.33 -24.32
N LYS A 536 -20.56 -9.50 -24.93
CA LYS A 536 -19.43 -10.40 -24.66
C LYS A 536 -18.09 -9.72 -24.93
N SER A 537 -17.94 -9.12 -26.11
CA SER A 537 -16.71 -8.41 -26.45
C SER A 537 -16.51 -7.15 -25.60
N LEU A 538 -17.60 -6.43 -25.32
CA LEU A 538 -17.52 -5.22 -24.48
C LEU A 538 -17.05 -5.52 -23.06
N ASN A 539 -17.57 -6.59 -22.47
CA ASN A 539 -17.18 -7.01 -21.13
C ASN A 539 -15.72 -7.48 -21.07
N GLU A 540 -15.28 -8.12 -22.15
CA GLU A 540 -13.87 -8.50 -22.26
C GLU A 540 -12.98 -7.26 -22.36
N MET A 541 -13.41 -6.27 -23.15
CA MET A 541 -12.67 -5.00 -23.24
C MET A 541 -12.63 -4.25 -21.92
N LEU A 542 -13.74 -4.26 -21.19
CA LEU A 542 -13.83 -3.62 -19.88
C LEU A 542 -12.86 -4.27 -18.89
N PHE A 543 -12.79 -5.60 -18.91
CA PHE A 543 -11.83 -6.33 -18.08
C PHE A 543 -10.40 -5.90 -18.38
N ARG A 544 -10.07 -5.81 -19.67
CA ARG A 544 -8.72 -5.43 -20.10
C ARG A 544 -8.39 -3.98 -19.76
N ALA A 545 -9.37 -3.09 -19.91
CA ALA A 545 -9.21 -1.68 -19.54
C ALA A 545 -8.93 -1.55 -18.04
N GLN A 546 -9.67 -2.30 -17.23
CA GLN A 546 -9.53 -2.25 -15.77
C GLN A 546 -8.21 -2.85 -15.29
N ARG A 547 -7.77 -3.92 -15.95
CA ARG A 547 -6.45 -4.49 -15.67
C ARG A 547 -5.34 -3.52 -16.04
N THR A 548 -5.49 -2.83 -17.16
CA THR A 548 -4.58 -1.75 -17.57
C THR A 548 -4.56 -0.63 -16.53
N GLU A 549 -5.74 -0.27 -16.01
CA GLU A 549 -5.85 0.78 -14.98
C GLU A 549 -5.15 0.40 -13.67
N VAL A 550 -5.36 -0.83 -13.23
CA VAL A 550 -4.67 -1.39 -12.05
C VAL A 550 -3.14 -1.36 -12.23
N ALA A 551 -2.67 -1.76 -13.40
CA ALA A 551 -1.22 -1.78 -13.67
C ALA A 551 -0.65 -0.36 -13.56
N GLY A 552 -1.36 0.60 -14.14
CA GLY A 552 -0.97 2.00 -14.06
C GLY A 552 -1.04 2.54 -12.64
N MET A 553 -2.07 2.12 -11.90
CA MET A 553 -2.22 2.50 -10.50
C MET A 553 -1.02 2.01 -9.69
N THR A 554 -0.67 0.73 -9.82
CA THR A 554 0.51 0.19 -9.13
C THR A 554 1.75 1.03 -9.41
N ALA A 555 1.99 1.29 -10.70
CA ALA A 555 3.19 1.99 -11.14
C ALA A 555 3.25 3.43 -10.63
N GLN A 556 2.14 4.14 -10.69
CA GLN A 556 2.09 5.55 -10.30
C GLN A 556 2.01 5.80 -8.78
N ILE A 557 1.13 5.08 -8.06
CA ILE A 557 0.92 5.33 -6.63
CA ILE A 557 0.93 5.36 -6.65
C ILE A 557 2.18 5.02 -5.83
N ASN A 558 2.95 4.04 -6.27
CA ASN A 558 4.13 3.66 -5.52
C ASN A 558 5.35 4.51 -5.84
N ARG A 559 5.33 5.14 -7.00
CA ARG A 559 6.36 6.12 -7.33
C ARG A 559 6.02 7.44 -6.60
N LYS A 560 4.73 7.75 -6.54
CA LYS A 560 4.26 8.85 -5.68
C LYS A 560 4.69 8.60 -4.22
N ALA A 561 4.49 7.36 -3.75
CA ALA A 561 4.89 7.00 -2.38
C ALA A 561 6.39 7.15 -2.15
N LEU A 562 7.20 6.78 -3.14
CA LEU A 562 8.66 6.89 -3.02
C LEU A 562 9.12 8.35 -2.91
N ILE A 563 8.58 9.21 -3.76
CA ILE A 563 8.94 10.63 -3.71
C ILE A 563 8.40 11.35 -2.46
N ASN A 564 7.18 11.03 -2.02
CA ASN A 564 6.65 11.56 -0.76
CA ASN A 564 6.65 11.56 -0.76
C ASN A 564 7.48 11.02 0.40
N GLY A 565 7.99 9.80 0.23
CA GLY A 565 8.88 9.16 1.18
C GLY A 565 10.16 9.95 1.40
N LEU A 566 10.69 10.54 0.32
CA LEU A 566 11.90 11.37 0.43
C LEU A 566 11.64 12.63 1.25
N ALA A 567 10.49 13.27 1.04
CA ALA A 567 10.11 14.46 1.82
C ALA A 567 10.02 14.13 3.31
N GLY A 568 9.44 12.96 3.63
CA GLY A 568 9.33 12.49 5.01
C GLY A 568 10.66 12.04 5.59
N ALA A 569 11.52 11.47 4.74
CA ALA A 569 12.83 10.96 5.17
C ALA A 569 13.73 12.06 5.71
N LEU A 570 13.56 13.27 5.19
CA LEU A 570 14.27 14.45 5.68
C LEU A 570 13.99 14.70 7.16
N GLY A 571 12.89 14.11 7.65
CA GLY A 571 12.51 14.19 9.07
C GLY A 571 12.68 12.87 9.82
N ASN A 572 13.44 11.93 9.25
CA ASN A 572 13.80 10.68 9.94
C ASN A 572 15.27 10.70 10.35
N VAL A 573 15.52 10.48 11.64
CA VAL A 573 16.87 10.65 12.21
C VAL A 573 17.92 9.67 11.66
N TRP A 574 17.47 8.60 11.00
CA TRP A 574 18.39 7.62 10.42
C TRP A 574 18.76 7.91 8.96
N PHE A 575 18.09 8.88 8.34
CA PHE A 575 18.41 9.30 6.97
C PHE A 575 19.71 10.08 6.97
N ARG A 576 20.59 9.77 6.01
CA ARG A 576 21.86 10.49 5.88
C ARG A 576 21.67 12.01 5.74
N TYR A 577 20.57 12.42 5.11
CA TYR A 577 20.31 13.85 4.87
C TYR A 577 19.20 14.42 5.76
N TYR A 578 19.00 13.77 6.92
CA TYR A 578 18.11 14.30 7.95
C TYR A 578 18.41 15.76 8.24
N ASP A 579 17.38 16.59 8.22
CA ASP A 579 17.54 18.02 8.51
C ASP A 579 16.16 18.60 8.67
N LEU A 580 15.84 18.97 9.91
CA LEU A 580 14.53 19.57 10.20
C LEU A 580 14.31 20.93 9.53
N ARG A 581 15.39 21.62 9.16
CA ARG A 581 15.28 22.87 8.40
C ARG A 581 14.65 22.60 7.04
N ASN A 582 15.11 21.53 6.39
CA ASN A 582 14.54 21.10 5.12
C ASN A 582 13.17 20.45 5.24
N ALA A 583 13.00 19.58 6.23
CA ALA A 583 11.69 18.94 6.46
C ALA A 583 10.61 19.99 6.72
N THR A 584 10.85 20.94 7.63
CA THR A 584 9.87 21.98 7.94
CA THR A 584 9.87 21.98 7.93
C THR A 584 9.77 23.06 6.85
N ALA A 585 10.83 23.22 6.04
CA ALA A 585 10.76 24.15 4.90
C ALA A 585 9.64 23.70 3.96
N ILE A 586 9.53 22.37 3.79
CA ILE A 586 8.47 21.77 2.98
C ILE A 586 7.09 21.95 3.61
N THR A 587 6.92 21.48 4.85
CA THR A 587 5.58 21.46 5.45
C THR A 587 5.04 22.88 5.69
N THR A 588 5.92 23.80 6.08
CA THR A 588 5.50 25.19 6.34
C THR A 588 5.06 25.89 5.05
N PHE A 589 5.83 25.67 3.97
CA PHE A 589 5.46 26.17 2.65
C PHE A 589 4.07 25.64 2.23
N GLY A 590 3.84 24.35 2.46
CA GLY A 590 2.54 23.73 2.20
C GLY A 590 1.39 24.40 2.95
N GLN A 591 1.60 24.63 4.25
CA GLN A 591 0.59 25.34 5.04
C GLN A 591 0.28 26.72 4.45
N MET A 592 1.32 27.45 4.06
CA MET A 592 1.15 28.76 3.45
C MET A 592 0.37 28.66 2.13
N ALA A 593 0.77 27.70 1.30
CA ALA A 593 0.18 27.53 -0.03
C ALA A 593 -1.31 27.29 0.02
N LEU A 594 -1.73 26.37 0.89
CA LEU A 594 -3.15 26.06 1.05
C LEU A 594 -3.95 27.28 1.50
N GLN A 595 -3.45 27.98 2.50
CA GLN A 595 -4.20 29.10 3.09
C GLN A 595 -4.14 30.36 2.22
N TRP A 596 -3.04 30.51 1.49
CA TRP A 596 -2.88 31.56 0.49
C TRP A 596 -3.94 31.41 -0.60
N ILE A 597 -4.03 30.20 -1.16
CA ILE A 597 -4.94 29.98 -2.28
C ILE A 597 -6.41 29.95 -1.81
N GLU A 598 -6.64 29.59 -0.56
CA GLU A 598 -7.99 29.71 0.00
C GLU A 598 -8.44 31.17 -0.10
N ARG A 599 -7.56 32.08 0.33
CA ARG A 599 -7.81 33.51 0.26
C ARG A 599 -8.06 33.96 -1.18
N LYS A 600 -7.18 33.52 -2.08
CA LYS A 600 -7.25 33.93 -3.48
C LYS A 600 -8.54 33.46 -4.14
N VAL A 601 -8.98 32.24 -3.81
CA VAL A 601 -10.21 31.69 -4.40
C VAL A 601 -11.47 32.40 -3.86
N ASN A 602 -11.51 32.65 -2.56
CA ASN A 602 -12.61 33.44 -1.97
C ASN A 602 -12.69 34.82 -2.61
N GLU A 603 -11.55 35.49 -2.74
CA GLU A 603 -11.48 36.81 -3.38
C GLU A 603 -12.03 36.77 -4.80
N TYR A 604 -11.56 35.80 -5.59
CA TYR A 604 -11.95 35.67 -6.99
C TYR A 604 -13.45 35.36 -7.19
N LEU A 605 -13.98 34.42 -6.41
CA LEU A 605 -15.38 34.03 -6.58
C LEU A 605 -16.37 35.11 -6.12
N ASN A 606 -16.04 35.81 -5.04
CA ASN A 606 -16.80 37.00 -4.63
C ASN A 606 -16.85 38.04 -5.74
N GLU A 607 -15.70 38.29 -6.36
CA GLU A 607 -15.58 39.23 -7.46
C GLU A 607 -16.47 38.87 -8.65
N VAL A 608 -16.41 37.62 -9.11
CA VAL A 608 -17.18 37.22 -10.29
C VAL A 608 -18.67 37.04 -10.00
N CYS A 609 -19.00 36.79 -8.73
CA CYS A 609 -20.41 36.68 -8.33
C CYS A 609 -20.99 38.02 -7.88
N GLY A 610 -20.14 39.07 -7.91
CA GLY A 610 -20.57 40.44 -7.60
C GLY A 610 -20.85 40.71 -6.13
N THR A 611 -20.27 39.88 -5.26
CA THR A 611 -20.46 40.00 -3.81
C THR A 611 -19.12 40.26 -3.09
N GLU A 612 -19.18 40.35 -1.77
CA GLU A 612 -18.00 40.57 -0.94
C GLU A 612 -18.14 39.79 0.36
N GLY A 613 -17.06 39.14 0.78
CA GLY A 613 -17.00 38.51 2.10
C GLY A 613 -17.68 37.15 2.29
N GLU A 614 -18.22 36.57 1.23
CA GLU A 614 -18.80 35.23 1.34
C GLU A 614 -17.72 34.16 1.34
N ALA A 615 -17.94 33.10 2.13
CA ALA A 615 -16.99 32.00 2.21
C ALA A 615 -17.34 30.94 1.18
N PHE A 616 -16.50 30.85 0.14
CA PHE A 616 -16.68 29.83 -0.88
C PHE A 616 -15.96 28.54 -0.53
N VAL A 617 -14.75 28.67 0.01
CA VAL A 617 -13.93 27.51 0.39
C VAL A 617 -14.45 27.00 1.74
N LEU A 618 -15.04 25.82 1.74
CA LEU A 618 -15.69 25.26 2.93
C LEU A 618 -14.76 24.36 3.74
N TYR A 619 -13.68 23.89 3.09
CA TYR A 619 -12.78 22.89 3.67
C TYR A 619 -11.49 22.79 2.85
N GLY A 620 -10.45 22.29 3.48
CA GLY A 620 -9.18 22.00 2.83
C GLY A 620 -8.32 21.15 3.73
N ASP A 621 -7.53 20.26 3.14
CA ASP A 621 -6.63 19.38 3.91
C ASP A 621 -5.31 19.30 3.18
N THR A 622 -4.28 19.94 3.74
CA THR A 622 -2.90 19.87 3.27
C THR A 622 -2.65 20.65 1.97
N ASP A 623 -3.32 20.24 0.89
CA ASP A 623 -3.09 20.83 -0.42
C ASP A 623 -4.35 20.83 -1.30
N SER A 624 -5.51 20.66 -0.69
CA SER A 624 -6.76 20.60 -1.42
C SER A 624 -7.72 21.65 -0.88
N ILE A 625 -8.60 22.14 -1.75
CA ILE A 625 -9.68 23.01 -1.33
C ILE A 625 -11.01 22.47 -1.85
N TYR A 626 -12.04 22.62 -1.03
CA TYR A 626 -13.40 22.24 -1.40
C TYR A 626 -14.23 23.50 -1.48
N VAL A 627 -14.77 23.76 -2.67
CA VAL A 627 -15.47 25.01 -2.95
C VAL A 627 -16.96 24.73 -3.09
N SER A 628 -17.76 25.42 -2.27
CA SER A 628 -19.21 25.40 -2.42
C SER A 628 -19.59 26.11 -3.72
N ALA A 629 -20.26 25.39 -4.60
CA ALA A 629 -20.63 25.91 -5.91
C ALA A 629 -22.09 26.34 -5.99
N ASP A 630 -22.77 26.35 -4.84
CA ASP A 630 -24.17 26.80 -4.76
C ASP A 630 -24.42 28.16 -5.41
N LYS A 631 -23.60 29.15 -5.03
CA LYS A 631 -23.77 30.51 -5.57
C LYS A 631 -23.51 30.60 -7.07
N ILE A 632 -22.66 29.71 -7.57
CA ILE A 632 -22.33 29.64 -8.99
C ILE A 632 -23.52 29.09 -9.76
N ILE A 633 -24.09 27.99 -9.27
CA ILE A 633 -25.31 27.40 -9.84
C ILE A 633 -26.47 28.39 -9.77
N ASP A 634 -26.65 29.03 -8.60
CA ASP A 634 -27.76 29.99 -8.39
C ASP A 634 -27.61 31.28 -9.20
N LYS A 635 -26.37 31.64 -9.53
CA LYS A 635 -26.11 32.83 -10.32
C LYS A 635 -26.74 32.69 -11.69
N VAL A 636 -26.61 31.51 -12.30
CA VAL A 636 -27.24 31.28 -13.60
C VAL A 636 -28.69 30.84 -13.46
N GLY A 637 -29.01 30.20 -12.32
CA GLY A 637 -30.35 29.70 -12.07
C GLY A 637 -30.44 28.24 -12.44
N GLU A 638 -30.85 27.42 -11.47
CA GLU A 638 -30.90 25.96 -11.63
C GLU A 638 -31.84 25.52 -12.75
N SER A 639 -32.92 26.26 -12.95
CA SER A 639 -33.94 25.93 -13.96
C SER A 639 -33.40 25.98 -15.39
N LYS A 640 -32.25 26.61 -15.59
CA LYS A 640 -31.62 26.70 -16.90
C LYS A 640 -30.98 25.39 -17.39
N PHE A 641 -30.79 24.43 -16.49
CA PHE A 641 -30.13 23.17 -16.84
C PHE A 641 -31.08 22.07 -17.30
N ARG A 642 -30.71 21.40 -18.39
CA ARG A 642 -31.55 20.38 -19.02
C ARG A 642 -31.56 19.07 -18.25
N ASP A 643 -30.40 18.72 -17.69
CA ASP A 643 -30.20 17.50 -16.94
C ASP A 643 -28.98 17.64 -16.03
N THR A 644 -28.65 16.58 -15.31
CA THR A 644 -27.47 16.60 -14.43
C THR A 644 -26.19 16.90 -15.20
N ASN A 645 -25.99 16.19 -16.32
CA ASN A 645 -24.77 16.32 -17.12
C ASN A 645 -24.55 17.76 -17.63
N HIS A 646 -25.64 18.47 -17.88
CA HIS A 646 -25.59 19.87 -18.27
C HIS A 646 -24.92 20.76 -17.21
N TRP A 647 -25.38 20.68 -15.96
CA TRP A 647 -24.72 21.47 -14.90
C TRP A 647 -23.31 20.98 -14.59
N VAL A 648 -23.07 19.68 -14.74
CA VAL A 648 -21.72 19.13 -14.57
C VAL A 648 -20.76 19.74 -15.62
N ASP A 649 -21.21 19.75 -16.89
CA ASP A 649 -20.46 20.38 -17.98
C ASP A 649 -20.18 21.85 -17.70
N PHE A 650 -21.18 22.55 -17.16
CA PHE A 650 -21.07 23.97 -16.85
C PHE A 650 -20.01 24.23 -15.78
N LEU A 651 -20.07 23.47 -14.67
CA LEU A 651 -19.07 23.59 -13.62
C LEU A 651 -17.67 23.17 -14.07
N ASP A 652 -17.60 22.13 -14.90
CA ASP A 652 -16.32 21.68 -15.48
C ASP A 652 -15.67 22.82 -16.26
N LYS A 653 -16.46 23.45 -17.13
CA LYS A 653 -15.99 24.56 -17.94
C LYS A 653 -15.61 25.74 -17.04
N PHE A 654 -16.46 26.05 -16.05
CA PHE A 654 -16.21 27.12 -15.10
C PHE A 654 -14.87 26.92 -14.36
N ALA A 655 -14.62 25.70 -13.90
CA ALA A 655 -13.40 25.37 -13.17
C ALA A 655 -12.17 25.55 -14.05
N ARG A 656 -12.24 25.03 -15.27
CA ARG A 656 -11.09 25.02 -16.17
C ARG A 656 -10.80 26.38 -16.81
N GLU A 657 -11.85 27.09 -17.20
CA GLU A 657 -11.70 28.31 -17.99
C GLU A 657 -11.60 29.58 -17.13
N ARG A 658 -12.16 29.54 -15.93
CA ARG A 658 -12.21 30.73 -15.09
C ARG A 658 -11.41 30.60 -13.80
N MET A 659 -11.68 29.52 -13.05
CA MET A 659 -11.06 29.34 -11.74
C MET A 659 -9.58 28.95 -11.79
N GLU A 660 -9.26 27.94 -12.60
CA GLU A 660 -7.86 27.52 -12.73
C GLU A 660 -6.91 28.64 -13.18
N PRO A 661 -7.28 29.46 -14.19
CA PRO A 661 -6.42 30.60 -14.49
C PRO A 661 -6.22 31.55 -13.30
N ALA A 662 -7.28 31.81 -12.53
CA ALA A 662 -7.18 32.66 -11.34
C ALA A 662 -6.30 32.01 -10.27
N ILE A 663 -6.44 30.71 -10.09
CA ILE A 663 -5.61 29.94 -9.15
C ILE A 663 -4.14 30.01 -9.56
N ASP A 664 -3.89 29.79 -10.86
CA ASP A 664 -2.56 29.92 -11.44
C ASP A 664 -1.95 31.29 -11.19
N ARG A 665 -2.73 32.35 -11.44
CA ARG A 665 -2.27 33.72 -11.18
C ARG A 665 -1.91 33.92 -9.70
N GLY A 666 -2.76 33.38 -8.83
CA GLY A 666 -2.53 33.45 -7.38
C GLY A 666 -1.22 32.81 -6.95
N PHE A 667 -0.94 31.62 -7.48
CA PHE A 667 0.29 30.89 -7.13
C PHE A 667 1.56 31.48 -7.77
N ARG A 668 1.44 32.05 -8.96
CA ARG A 668 2.57 32.76 -9.59
CA ARG A 668 2.58 32.74 -9.57
C ARG A 668 3.01 33.93 -8.73
N GLU A 669 2.04 34.62 -8.13
CA GLU A 669 2.31 35.74 -7.22
C GLU A 669 3.01 35.27 -5.94
N MET A 670 2.56 34.13 -5.42
CA MET A 670 3.17 33.51 -4.24
C MET A 670 4.62 33.11 -4.52
N CYS A 671 4.85 32.58 -5.72
CA CYS A 671 6.19 32.21 -6.18
C CYS A 671 7.14 33.41 -6.22
N GLU A 672 6.67 34.53 -6.75
CA GLU A 672 7.52 35.73 -6.77
C GLU A 672 7.70 36.31 -5.36
N TYR A 673 6.67 36.19 -4.52
CA TYR A 673 6.75 36.60 -3.11
C TYR A 673 7.89 35.87 -2.38
N MET A 674 7.97 34.57 -2.57
CA MET A 674 9.01 33.73 -1.96
C MET A 674 10.28 33.70 -2.82
N ASN A 675 10.24 34.38 -3.97
CA ASN A 675 11.35 34.44 -4.93
C ASN A 675 11.87 33.06 -5.32
N ASN A 676 10.95 32.13 -5.60
CA ASN A 676 11.30 30.72 -5.78
C ASN A 676 11.97 30.45 -7.12
N LYS A 677 12.64 29.30 -7.20
CA LYS A 677 13.41 28.94 -8.39
C LYS A 677 12.50 28.72 -9.60
N GLN A 678 11.42 27.97 -9.40
CA GLN A 678 10.51 27.60 -10.48
C GLN A 678 9.09 27.47 -9.96
N HIS A 679 8.13 28.08 -10.67
CA HIS A 679 6.71 27.93 -10.30
C HIS A 679 6.22 26.52 -10.64
N LEU A 680 5.87 25.76 -9.60
CA LEU A 680 5.38 24.37 -9.79
C LEU A 680 4.11 24.06 -8.97
N MET A 681 3.47 25.10 -8.45
CA MET A 681 2.21 24.94 -7.71
C MET A 681 1.07 24.84 -8.72
N PHE A 682 0.73 23.61 -9.08
CA PHE A 682 -0.27 23.36 -10.12
C PHE A 682 -1.48 22.74 -9.47
N MET A 683 -2.54 23.53 -9.32
CA MET A 683 -3.74 23.10 -8.63
C MET A 683 -4.88 22.98 -9.64
N ASP A 684 -5.23 21.73 -9.94
CA ASP A 684 -6.26 21.44 -10.93
C ASP A 684 -7.53 20.96 -10.24
N ARG A 685 -8.66 21.12 -10.93
CA ARG A 685 -9.94 20.63 -10.44
C ARG A 685 -9.88 19.12 -10.25
N GLU A 686 -10.45 18.66 -9.15
CA GLU A 686 -10.51 17.23 -8.88
C GLU A 686 -11.95 16.73 -9.06
N ALA A 687 -12.81 16.97 -8.07
CA ALA A 687 -14.19 16.45 -8.09
C ALA A 687 -15.23 17.50 -8.43
N ILE A 688 -16.23 17.08 -9.21
CA ILE A 688 -17.48 17.84 -9.36
C ILE A 688 -18.59 17.03 -8.71
N ALA A 689 -19.21 17.61 -7.67
CA ALA A 689 -20.17 16.91 -6.82
C ALA A 689 -21.51 17.62 -6.68
N GLY A 690 -22.58 16.83 -6.59
CA GLY A 690 -23.92 17.36 -6.38
C GLY A 690 -24.97 16.27 -6.47
N PRO A 691 -26.23 16.60 -6.12
CA PRO A 691 -27.31 15.64 -6.25
C PRO A 691 -27.80 15.56 -7.70
N PRO A 692 -28.43 14.43 -8.08
CA PRO A 692 -29.03 14.39 -9.42
C PRO A 692 -30.05 15.52 -9.55
N LEU A 693 -30.08 16.19 -10.70
CA LEU A 693 -31.04 17.28 -10.94
C LEU A 693 -32.47 16.78 -10.71
N GLY A 694 -33.26 17.58 -10.01
CA GLY A 694 -34.66 17.26 -9.76
C GLY A 694 -34.90 16.36 -8.55
N SER A 695 -33.82 15.84 -7.96
CA SER A 695 -33.94 14.92 -6.82
C SER A 695 -33.97 15.65 -5.49
N LYS A 696 -34.24 14.91 -4.41
CA LYS A 696 -34.16 15.46 -3.06
C LYS A 696 -32.83 15.12 -2.38
N GLY A 697 -31.87 14.64 -3.16
CA GLY A 697 -30.54 14.32 -2.65
C GLY A 697 -29.81 15.54 -2.13
N ILE A 698 -29.00 15.35 -1.10
CA ILE A 698 -28.33 16.50 -0.46
C ILE A 698 -26.96 16.82 -1.07
N GLY A 699 -26.48 15.94 -1.97
CA GLY A 699 -25.20 16.15 -2.67
C GLY A 699 -23.97 15.70 -1.89
N GLY A 700 -23.79 16.27 -0.71
CA GLY A 700 -22.65 15.94 0.13
C GLY A 700 -22.86 16.37 1.58
N PHE A 701 -21.92 16.00 2.44
CA PHE A 701 -21.89 16.48 3.83
C PHE A 701 -20.50 16.31 4.45
N TRP A 702 -20.20 17.18 5.42
CA TRP A 702 -19.02 17.07 6.27
C TRP A 702 -19.48 16.89 7.72
N THR A 703 -18.85 15.99 8.46
CA THR A 703 -19.07 15.90 9.91
C THR A 703 -17.95 16.61 10.68
N GLY A 704 -16.79 16.77 10.05
CA GLY A 704 -15.61 17.37 10.68
C GLY A 704 -14.38 17.18 9.82
N LYS A 705 -13.21 17.49 10.36
CA LYS A 705 -11.96 17.27 9.63
C LYS A 705 -11.81 15.80 9.25
N LYS A 706 -11.39 15.55 8.01
CA LYS A 706 -11.09 14.21 7.48
C LYS A 706 -12.31 13.27 7.45
N ARG A 707 -13.51 13.85 7.48
CA ARG A 707 -14.76 13.09 7.56
C ARG A 707 -15.86 13.71 6.69
N TYR A 708 -16.04 13.16 5.49
CA TYR A 708 -17.01 13.71 4.54
C TYR A 708 -17.42 12.71 3.46
N ALA A 709 -18.52 13.02 2.78
CA ALA A 709 -19.02 12.20 1.68
C ALA A 709 -19.54 13.11 0.57
N LEU A 710 -19.26 12.74 -0.69
CA LEU A 710 -19.69 13.50 -1.85
C LEU A 710 -20.21 12.59 -2.95
N ASN A 711 -21.26 13.04 -3.64
CA ASN A 711 -21.78 12.35 -4.81
C ASN A 711 -21.10 12.91 -6.06
N VAL A 712 -20.15 12.16 -6.61
CA VAL A 712 -19.26 12.68 -7.66
C VAL A 712 -19.67 12.23 -9.07
N TRP A 713 -19.71 13.19 -9.99
CA TRP A 713 -20.06 12.93 -11.41
C TRP A 713 -18.83 12.95 -12.31
N ASP A 714 -17.79 13.67 -11.88
CA ASP A 714 -16.55 13.77 -12.65
C ASP A 714 -15.38 13.87 -11.69
N MET A 715 -14.35 13.05 -11.91
CA MET A 715 -13.18 13.04 -11.08
C MET A 715 -11.93 13.13 -11.95
N GLU A 716 -11.20 14.23 -11.82
CA GLU A 716 -9.95 14.44 -12.57
C GLU A 716 -10.13 14.22 -14.08
N GLY A 717 -11.28 14.59 -14.63
CA GLY A 717 -11.51 14.45 -16.07
C GLY A 717 -12.15 13.13 -16.50
N THR A 718 -12.44 12.26 -15.55
CA THR A 718 -13.22 11.05 -15.84
C THR A 718 -14.70 11.33 -15.59
N ARG A 719 -15.49 11.41 -16.66
CA ARG A 719 -16.93 11.57 -16.55
C ARG A 719 -17.56 10.19 -16.37
N TYR A 720 -18.08 9.92 -15.19
CA TYR A 720 -18.60 8.60 -14.88
C TYR A 720 -19.90 8.30 -15.60
N ALA A 721 -20.03 7.05 -16.08
CA ALA A 721 -21.30 6.54 -16.59
C ALA A 721 -22.35 6.60 -15.48
N GLU A 722 -21.92 6.29 -14.25
CA GLU A 722 -22.81 6.35 -13.09
C GLU A 722 -22.13 7.09 -11.94
N PRO A 723 -22.89 7.94 -11.21
CA PRO A 723 -22.28 8.72 -10.13
C PRO A 723 -21.59 7.83 -9.09
N LYS A 724 -20.47 8.30 -8.56
CA LYS A 724 -19.67 7.51 -7.63
C LYS A 724 -19.54 8.25 -6.30
N LEU A 725 -19.74 7.55 -5.20
CA LEU A 725 -19.59 8.17 -3.90
C LEU A 725 -18.11 8.31 -3.56
N LYS A 726 -17.68 9.52 -3.22
CA LYS A 726 -16.36 9.72 -2.65
C LYS A 726 -16.55 9.90 -1.14
N ILE A 727 -16.21 8.86 -0.38
CA ILE A 727 -16.36 8.90 1.06
C ILE A 727 -14.98 8.83 1.72
N MET A 728 -14.67 9.83 2.52
CA MET A 728 -13.39 9.85 3.23
C MET A 728 -13.59 9.82 4.74
N GLY A 729 -12.92 8.89 5.41
CA GLY A 729 -12.81 8.91 6.87
C GLY A 729 -13.97 8.27 7.63
N LEU A 730 -15.15 8.31 7.05
CA LEU A 730 -16.36 7.74 7.66
C LEU A 730 -16.23 6.21 7.79
N GLU A 731 -17.01 5.64 8.70
CA GLU A 731 -16.92 4.22 9.07
C GLU A 731 -16.98 3.24 7.89
N THR A 732 -17.64 3.64 6.81
CA THR A 732 -17.63 2.83 5.58
C THR A 732 -16.21 2.53 5.05
N GLN A 733 -15.25 3.38 5.43
CA GLN A 733 -13.89 3.33 4.91
C GLN A 733 -12.91 2.63 5.85
N LYS A 734 -13.40 2.25 7.02
CA LYS A 734 -12.54 1.68 8.06
C LYS A 734 -12.66 0.17 8.12
N SER A 735 -11.50 -0.50 8.17
CA SER A 735 -11.43 -1.96 8.19
C SER A 735 -11.98 -2.54 9.50
N SER A 736 -12.05 -1.71 10.53
CA SER A 736 -12.60 -2.11 11.84
C SER A 736 -14.13 -2.23 11.83
N THR A 737 -14.78 -1.58 10.87
CA THR A 737 -16.25 -1.58 10.77
C THR A 737 -16.72 -2.92 10.19
N PRO A 738 -17.75 -3.54 10.80
CA PRO A 738 -18.24 -4.82 10.26
C PRO A 738 -18.58 -4.71 8.77
N LYS A 739 -18.29 -5.76 8.00
CA LYS A 739 -18.55 -5.77 6.57
C LYS A 739 -19.97 -5.37 6.17
N ALA A 740 -20.97 -5.99 6.78
CA ALA A 740 -22.37 -5.73 6.45
C ALA A 740 -22.79 -4.33 6.89
N VAL A 741 -22.13 -3.82 7.93
CA VAL A 741 -22.36 -2.47 8.42
C VAL A 741 -21.75 -1.43 7.47
N GLN A 742 -20.57 -1.69 6.93
CA GLN A 742 -19.98 -0.84 5.89
C GLN A 742 -20.97 -0.71 4.74
N LYS A 743 -21.49 -1.86 4.28
CA LYS A 743 -22.47 -1.90 3.20
C LYS A 743 -23.70 -1.05 3.48
N ALA A 744 -24.28 -1.21 4.67
CA ALA A 744 -25.52 -0.54 5.05
C ALA A 744 -25.32 0.96 5.23
N LEU A 745 -24.22 1.33 5.89
CA LEU A 745 -23.86 2.74 6.02
C LEU A 745 -23.63 3.42 4.65
N LYS A 746 -22.98 2.72 3.72
CA LYS A 746 -22.75 3.30 2.39
C LYS A 746 -24.06 3.54 1.64
N GLU A 747 -24.99 2.60 1.77
CA GLU A 747 -26.30 2.73 1.15
C GLU A 747 -27.12 3.83 1.81
N CYS A 748 -27.01 3.95 3.13
CA CYS A 748 -27.59 5.09 3.85
C CYS A 748 -27.05 6.40 3.29
N ILE A 749 -25.73 6.47 3.13
CA ILE A 749 -25.09 7.65 2.53
C ILE A 749 -25.57 7.86 1.09
N ARG A 750 -25.55 6.80 0.27
CA ARG A 750 -26.00 6.91 -1.12
C ARG A 750 -27.39 7.53 -1.18
N ARG A 751 -28.29 7.05 -0.33
CA ARG A 751 -29.65 7.56 -0.30
C ARG A 751 -29.73 9.02 0.14
N MET A 752 -28.98 9.38 1.18
CA MET A 752 -28.90 10.78 1.63
C MET A 752 -28.46 11.70 0.50
N LEU A 753 -27.39 11.32 -0.19
CA LEU A 753 -26.78 12.21 -1.18
C LEU A 753 -27.56 12.29 -2.47
N GLN A 754 -28.19 11.18 -2.87
CA GLN A 754 -28.82 11.04 -4.18
C GLN A 754 -30.34 11.12 -4.17
N GLU A 755 -30.96 10.75 -3.04
CA GLU A 755 -32.40 10.57 -3.01
C GLU A 755 -33.12 11.40 -1.94
N GLY A 756 -32.50 11.56 -0.77
CA GLY A 756 -33.05 12.42 0.28
C GLY A 756 -33.46 11.70 1.56
N GLU A 757 -34.07 12.44 2.47
CA GLU A 757 -34.38 11.96 3.82
C GLU A 757 -35.36 10.79 3.88
N GLU A 758 -36.44 10.86 3.11
CA GLU A 758 -37.46 9.81 3.14
C GLU A 758 -36.87 8.47 2.69
N SER A 759 -36.06 8.51 1.64
CA SER A 759 -35.38 7.31 1.15
C SER A 759 -34.49 6.69 2.24
N LEU A 760 -33.67 7.51 2.88
CA LEU A 760 -32.85 7.10 4.03
C LEU A 760 -33.70 6.40 5.09
N GLN A 761 -34.81 7.03 5.46
CA GLN A 761 -35.66 6.51 6.54
C GLN A 761 -36.25 5.15 6.19
N GLU A 762 -36.60 4.98 4.92
CA GLU A 762 -37.10 3.72 4.40
C GLU A 762 -36.05 2.60 4.53
N TYR A 763 -34.80 2.88 4.15
CA TYR A 763 -33.73 1.89 4.26
C TYR A 763 -33.37 1.57 5.71
N PHE A 764 -33.29 2.61 6.55
CA PHE A 764 -32.94 2.40 7.94
C PHE A 764 -33.90 1.44 8.61
N LYS A 765 -35.19 1.63 8.34
CA LYS A 765 -36.25 0.80 8.91
C LYS A 765 -36.06 -0.66 8.52
N GLU A 766 -35.71 -0.90 7.26
CA GLU A 766 -35.52 -2.26 6.75
C GLU A 766 -34.32 -2.94 7.39
N PHE A 767 -33.20 -2.20 7.46
CA PHE A 767 -31.97 -2.74 8.00
C PHE A 767 -32.13 -3.09 9.48
N GLU A 768 -32.76 -2.22 10.25
CA GLU A 768 -33.01 -2.49 11.68
C GLU A 768 -33.87 -3.74 11.88
N LYS A 769 -34.87 -3.91 11.02
CA LYS A 769 -35.76 -5.09 11.07
C LYS A 769 -35.04 -6.39 10.72
N GLU A 770 -34.03 -6.31 9.85
CA GLU A 770 -33.38 -7.52 9.34
C GLU A 770 -31.99 -7.79 9.94
N PHE A 771 -31.48 -6.82 10.70
CA PHE A 771 -30.12 -6.88 11.29
C PHE A 771 -29.81 -8.22 11.96
N ARG A 772 -30.73 -8.71 12.78
CA ARG A 772 -30.51 -9.93 13.55
C ARG A 772 -30.35 -11.19 12.70
N GLN A 773 -30.64 -11.10 11.39
CA GLN A 773 -30.53 -12.22 10.48
C GLN A 773 -29.22 -12.30 9.70
N LEU A 774 -28.40 -11.26 9.84
CA LEU A 774 -27.10 -11.23 9.18
C LEU A 774 -26.15 -12.24 9.81
N ASN A 775 -25.28 -12.82 8.98
CA ASN A 775 -24.26 -13.77 9.43
C ASN A 775 -23.33 -13.11 10.45
N TYR A 776 -22.96 -13.85 11.50
CA TYR A 776 -22.20 -13.28 12.60
C TYR A 776 -20.86 -12.64 12.19
N ILE A 777 -20.19 -13.23 11.19
CA ILE A 777 -18.92 -12.71 10.70
C ILE A 777 -19.09 -11.36 10.01
N SER A 778 -20.21 -11.20 9.30
CA SER A 778 -20.50 -9.97 8.57
C SER A 778 -20.80 -8.81 9.51
N ILE A 779 -21.17 -9.12 10.75
CA ILE A 779 -21.49 -8.06 11.72
C ILE A 779 -20.48 -7.94 12.87
N ALA A 780 -19.40 -8.72 12.79
CA ALA A 780 -18.30 -8.61 13.76
C ALA A 780 -17.39 -7.42 13.45
N SER A 781 -16.97 -6.71 14.49
CA SER A 781 -15.97 -5.66 14.36
C SER A 781 -14.60 -6.30 14.16
N VAL A 782 -13.62 -5.49 13.75
CA VAL A 782 -12.25 -6.00 13.54
C VAL A 782 -11.25 -5.10 14.27
N SER A 783 -10.23 -5.70 14.86
CA SER A 783 -9.13 -4.93 15.43
C SER A 783 -7.81 -5.68 15.33
N SER A 784 -6.72 -4.92 15.21
CA SER A 784 -5.38 -5.47 15.35
C SER A 784 -5.14 -5.78 16.81
N ALA A 785 -4.47 -6.89 17.08
CA ALA A 785 -4.25 -7.35 18.45
C ALA A 785 -2.79 -7.13 18.89
N ASN A 786 -2.49 -5.94 19.39
CA ASN A 786 -1.14 -5.61 19.85
C ASN A 786 -0.97 -5.68 21.36
N ASN A 787 0.19 -6.18 21.79
CA ASN A 787 0.57 -6.31 23.21
C ASN A 787 -0.45 -7.07 24.06
N ILE A 788 -0.88 -8.23 23.58
CA ILE A 788 -1.85 -9.08 24.29
C ILE A 788 -1.32 -9.47 25.68
N ALA A 789 -0.07 -9.94 25.73
CA ALA A 789 0.59 -10.37 26.96
C ALA A 789 0.57 -9.30 28.05
N LYS A 790 0.74 -8.05 27.65
CA LYS A 790 0.77 -6.90 28.56
C LYS A 790 -0.44 -6.85 29.51
N TYR A 791 -1.62 -7.24 29.00
CA TYR A 791 -2.87 -7.12 29.74
C TYR A 791 -3.41 -8.48 30.21
N ASP A 792 -2.57 -9.51 30.10
CA ASP A 792 -2.94 -10.88 30.44
C ASP A 792 -2.51 -11.20 31.87
N VAL A 793 -3.48 -11.18 32.79
CA VAL A 793 -3.23 -11.48 34.20
C VAL A 793 -3.97 -12.75 34.64
N GLY A 794 -3.26 -13.87 34.60
CA GLY A 794 -3.83 -15.19 34.89
C GLY A 794 -5.01 -15.53 33.98
N GLY A 795 -4.88 -15.17 32.70
CA GLY A 795 -5.94 -15.40 31.72
C GLY A 795 -7.05 -14.36 31.75
N PHE A 796 -6.94 -13.40 32.66
CA PHE A 796 -7.97 -12.37 32.86
C PHE A 796 -7.41 -10.97 32.56
N PRO A 797 -8.29 -10.02 32.23
CA PRO A 797 -7.85 -8.66 31.87
C PRO A 797 -7.26 -7.85 33.02
N GLY A 798 -6.07 -7.29 32.78
CA GLY A 798 -5.43 -6.36 33.71
C GLY A 798 -5.96 -4.94 33.54
N PRO A 799 -5.40 -3.98 34.30
CA PRO A 799 -5.84 -2.58 34.21
C PRO A 799 -5.67 -1.96 32.81
N LYS A 800 -6.63 -1.14 32.41
CA LYS A 800 -6.65 -0.45 31.11
C LYS A 800 -6.69 -1.39 29.89
N CYS A 801 -7.04 -2.65 30.12
CA CYS A 801 -7.13 -3.63 29.04
C CYS A 801 -8.12 -3.19 27.97
N PRO A 802 -7.63 -3.04 26.71
CA PRO A 802 -8.52 -2.64 25.62
C PRO A 802 -9.62 -3.68 25.37
N PHE A 803 -10.74 -3.21 24.83
CA PHE A 803 -11.92 -4.04 24.54
C PHE A 803 -11.58 -5.31 23.75
N HIS A 804 -10.88 -5.14 22.63
CA HIS A 804 -10.54 -6.28 21.76
C HIS A 804 -9.62 -7.29 22.44
N ILE A 805 -8.67 -6.79 23.24
CA ILE A 805 -7.76 -7.66 23.98
C ILE A 805 -8.54 -8.48 25.02
N ARG A 806 -9.48 -7.83 25.71
CA ARG A 806 -10.41 -8.51 26.61
C ARG A 806 -11.14 -9.65 25.90
N GLY A 807 -11.54 -9.41 24.66
CA GLY A 807 -12.17 -10.44 23.81
C GLY A 807 -11.26 -11.63 23.56
N ILE A 808 -10.00 -11.36 23.27
CA ILE A 808 -9.00 -12.41 23.05
C ILE A 808 -8.77 -13.25 24.31
N LEU A 809 -8.66 -12.59 25.46
CA LEU A 809 -8.48 -13.27 26.74
C LEU A 809 -9.67 -14.16 27.08
N THR A 810 -10.87 -13.67 26.75
CA THR A 810 -12.10 -14.45 26.89
C THR A 810 -12.01 -15.71 26.01
N TYR A 811 -11.59 -15.52 24.76
CA TYR A 811 -11.41 -16.61 23.80
C TYR A 811 -10.37 -17.64 24.28
N ASN A 812 -9.23 -17.16 24.78
CA ASN A 812 -8.18 -18.04 25.29
C ASN A 812 -8.65 -18.97 26.40
N ARG A 813 -9.48 -18.43 27.31
CA ARG A 813 -10.06 -19.22 28.41
C ARG A 813 -11.08 -20.24 27.90
N ALA A 814 -11.76 -19.87 26.82
CA ALA A 814 -12.79 -20.73 26.22
C ALA A 814 -12.19 -21.93 25.49
N ILE A 815 -10.98 -21.77 24.97
CA ILE A 815 -10.32 -22.82 24.18
C ILE A 815 -9.25 -23.60 24.93
N LYS A 816 -9.10 -23.33 26.23
CA LYS A 816 -8.12 -24.05 27.05
C LYS A 816 -8.52 -25.52 27.18
N GLY A 817 -7.63 -26.39 26.72
CA GLY A 817 -7.92 -27.83 26.65
C GLY A 817 -8.20 -28.29 25.23
N ASN A 818 -8.66 -27.36 24.40
CA ASN A 818 -8.88 -27.60 22.98
C ASN A 818 -7.53 -27.65 22.26
N ILE A 819 -7.35 -28.68 21.44
CA ILE A 819 -6.10 -28.87 20.70
C ILE A 819 -6.19 -28.28 19.29
N ASP A 820 -7.36 -28.40 18.67
CA ASP A 820 -7.57 -27.95 17.29
C ASP A 820 -7.95 -26.48 17.15
N ALA A 821 -8.19 -25.80 18.27
CA ALA A 821 -8.56 -24.39 18.27
C ALA A 821 -7.40 -23.50 17.84
N PRO A 822 -7.62 -22.64 16.84
CA PRO A 822 -6.59 -21.73 16.35
C PRO A 822 -6.24 -20.67 17.40
N GLN A 823 -4.95 -20.45 17.60
CA GLN A 823 -4.48 -19.43 18.53
C GLN A 823 -4.52 -18.05 17.88
N VAL A 824 -4.78 -17.04 18.70
CA VAL A 824 -4.68 -15.64 18.25
C VAL A 824 -3.20 -15.27 18.19
N VAL A 825 -2.78 -14.68 17.08
CA VAL A 825 -1.39 -14.33 16.87
C VAL A 825 -1.15 -12.84 17.16
N GLU A 826 -0.17 -12.57 18.02
CA GLU A 826 0.22 -11.21 18.37
C GLU A 826 0.46 -10.35 17.14
N GLY A 827 -0.19 -9.19 17.11
CA GLY A 827 -0.05 -8.23 16.01
C GLY A 827 -1.01 -8.42 14.84
N GLU A 828 -1.66 -9.58 14.77
CA GLU A 828 -2.57 -9.86 13.67
C GLU A 828 -3.98 -9.38 14.02
N LYS A 829 -4.94 -9.57 13.11
CA LYS A 829 -6.29 -9.05 13.32
C LYS A 829 -7.26 -10.10 13.82
N VAL A 830 -8.26 -9.64 14.57
CA VAL A 830 -9.31 -10.49 15.14
C VAL A 830 -10.69 -9.90 14.88
N TYR A 831 -11.69 -10.77 14.68
CA TYR A 831 -13.08 -10.36 14.75
C TYR A 831 -13.45 -10.17 16.21
N VAL A 832 -14.33 -9.21 16.49
CA VAL A 832 -14.78 -8.95 17.86
C VAL A 832 -16.30 -8.88 17.93
N LEU A 833 -16.88 -9.54 18.94
CA LEU A 833 -18.32 -9.50 19.17
C LEU A 833 -18.63 -9.25 20.64
N PRO A 834 -19.58 -8.36 20.93
CA PRO A 834 -20.04 -8.16 22.31
C PRO A 834 -20.94 -9.30 22.77
N LEU A 835 -20.90 -9.60 24.06
CA LEU A 835 -21.67 -10.69 24.64
C LEU A 835 -22.64 -10.17 25.69
N ARG A 836 -23.83 -10.73 25.72
CA ARG A 836 -24.84 -10.35 26.72
C ARG A 836 -24.44 -10.79 28.12
N GLU A 837 -24.96 -10.09 29.12
CA GLU A 837 -24.66 -10.38 30.52
C GLU A 837 -25.14 -11.78 30.88
N GLY A 838 -24.37 -12.45 31.73
CA GLY A 838 -24.70 -13.81 32.18
C GLY A 838 -24.23 -14.91 31.25
N ASN A 839 -23.49 -14.55 30.21
CA ASN A 839 -22.95 -15.52 29.26
C ASN A 839 -21.95 -16.48 29.91
N PRO A 840 -21.81 -17.71 29.37
CA PRO A 840 -20.93 -18.70 29.99
C PRO A 840 -19.44 -18.44 29.75
N PHE A 841 -19.11 -17.43 28.94
CA PHE A 841 -17.73 -17.04 28.70
C PHE A 841 -17.19 -16.18 29.84
N GLY A 842 -18.10 -15.59 30.61
CA GLY A 842 -17.75 -14.83 31.82
C GLY A 842 -17.25 -13.42 31.59
N ASP A 843 -17.50 -12.86 30.40
CA ASP A 843 -17.07 -11.50 30.09
C ASP A 843 -17.92 -10.88 28.97
N LYS A 844 -17.73 -9.58 28.76
CA LYS A 844 -18.63 -8.78 27.89
C LYS A 844 -18.38 -8.87 26.38
N CYS A 845 -17.31 -9.55 25.97
CA CYS A 845 -16.97 -9.68 24.56
C CYS A 845 -16.08 -10.89 24.29
N ILE A 846 -16.02 -11.29 23.02
CA ILE A 846 -15.11 -12.34 22.57
C ILE A 846 -14.47 -11.96 21.23
N ALA A 847 -13.24 -12.40 21.03
CA ALA A 847 -12.50 -12.12 19.80
C ALA A 847 -11.75 -13.35 19.33
N TRP A 848 -11.68 -13.55 18.00
CA TRP A 848 -11.05 -14.72 17.41
C TRP A 848 -10.34 -14.34 16.10
N PRO A 849 -9.38 -15.16 15.64
CA PRO A 849 -8.62 -14.78 14.43
C PRO A 849 -9.53 -14.35 13.27
N SER A 850 -9.29 -13.15 12.75
CA SER A 850 -10.08 -12.61 11.64
C SER A 850 -9.94 -13.45 10.38
N GLY A 851 -10.94 -13.37 9.51
CA GLY A 851 -10.98 -14.16 8.29
C GLY A 851 -11.25 -15.64 8.51
N THR A 852 -11.66 -16.00 9.73
CA THR A 852 -11.98 -17.40 10.04
C THR A 852 -13.34 -17.54 10.71
N GLU A 853 -13.95 -18.72 10.55
CA GLU A 853 -15.09 -19.13 11.35
C GLU A 853 -14.56 -19.43 12.76
N ILE A 854 -15.31 -19.02 13.78
CA ILE A 854 -14.92 -19.35 15.15
C ILE A 854 -15.08 -20.85 15.38
N THR A 855 -14.15 -21.46 16.10
CA THR A 855 -14.12 -22.91 16.29
C THR A 855 -15.47 -23.49 16.79
N ASP A 856 -15.80 -24.68 16.27
CA ASP A 856 -17.12 -25.30 16.46
C ASP A 856 -17.57 -25.47 17.91
N LEU A 857 -16.61 -25.75 18.80
CA LEU A 857 -16.94 -26.02 20.20
C LEU A 857 -17.50 -24.81 20.96
N ILE A 858 -17.21 -23.61 20.46
CA ILE A 858 -17.73 -22.38 21.09
C ILE A 858 -18.60 -21.55 20.15
N LYS A 859 -18.68 -21.96 18.88
CA LYS A 859 -19.47 -21.23 17.86
C LYS A 859 -20.94 -21.09 18.25
N ASP A 860 -21.56 -22.19 18.68
CA ASP A 860 -22.97 -22.18 19.04
C ASP A 860 -23.26 -21.29 20.25
N ASP A 861 -22.34 -21.25 21.21
CA ASP A 861 -22.45 -20.37 22.38
C ASP A 861 -22.34 -18.89 22.00
N VAL A 862 -21.38 -18.56 21.14
CA VAL A 862 -21.20 -17.19 20.65
C VAL A 862 -22.49 -16.71 19.97
N LEU A 863 -23.02 -17.52 19.05
CA LEU A 863 -24.27 -17.19 18.36
C LEU A 863 -25.43 -16.99 19.33
N HIS A 864 -25.50 -17.83 20.36
CA HIS A 864 -26.58 -17.75 21.34
C HIS A 864 -26.48 -16.49 22.21
N TRP A 865 -25.25 -16.06 22.50
CA TRP A 865 -25.01 -14.98 23.47
C TRP A 865 -24.59 -13.64 22.87
N MET A 866 -24.42 -13.59 21.56
CA MET A 866 -24.11 -12.35 20.84
C MET A 866 -25.06 -11.25 21.26
N ASP A 867 -24.52 -10.07 21.55
CA ASP A 867 -25.37 -8.94 21.88
C ASP A 867 -25.67 -8.10 20.63
N TYR A 868 -26.77 -8.43 19.96
CA TYR A 868 -27.22 -7.72 18.75
C TYR A 868 -27.56 -6.26 19.01
N THR A 869 -28.16 -5.98 20.15
CA THR A 869 -28.55 -4.60 20.51
C THR A 869 -27.34 -3.69 20.61
N VAL A 870 -26.34 -4.14 21.36
CA VAL A 870 -25.08 -3.40 21.50
C VAL A 870 -24.38 -3.23 20.15
N LEU A 871 -24.34 -4.32 19.40
CA LEU A 871 -23.69 -4.35 18.09
C LEU A 871 -24.29 -3.31 17.14
N LEU A 872 -25.62 -3.30 17.06
CA LEU A 872 -26.33 -2.35 16.21
C LEU A 872 -26.10 -0.90 16.63
N GLU A 873 -26.22 -0.63 17.94
CA GLU A 873 -26.02 0.74 18.45
C GLU A 873 -24.62 1.29 18.19
N LYS A 874 -23.61 0.51 18.54
CA LYS A 874 -22.21 0.95 18.46
C LYS A 874 -21.67 1.07 17.03
N THR A 875 -21.99 0.10 16.18
CA THR A 875 -21.37 0.03 14.86
C THR A 875 -22.19 0.72 13.78
N PHE A 876 -23.51 0.72 13.94
CA PHE A 876 -24.41 1.26 12.90
C PHE A 876 -25.12 2.54 13.32
N ILE A 877 -25.86 2.50 14.43
CA ILE A 877 -26.68 3.64 14.82
C ILE A 877 -25.85 4.87 15.19
N LYS A 878 -24.83 4.68 16.04
CA LYS A 878 -24.02 5.82 16.47
C LYS A 878 -23.29 6.52 15.30
N PRO A 879 -22.64 5.76 14.39
CA PRO A 879 -22.07 6.46 13.23
C PRO A 879 -23.13 7.16 12.36
N LEU A 880 -24.25 6.48 12.11
CA LEU A 880 -25.32 7.06 11.30
C LEU A 880 -25.87 8.34 11.94
N GLU A 881 -26.03 8.32 13.27
CA GLU A 881 -26.42 9.53 14.01
C GLU A 881 -25.46 10.70 13.74
N GLY A 882 -24.16 10.42 13.69
CA GLY A 882 -23.16 11.41 13.34
C GLY A 882 -23.35 11.97 11.94
N PHE A 883 -23.60 11.10 10.96
CA PHE A 883 -23.79 11.55 9.57
C PHE A 883 -25.02 12.46 9.45
N THR A 884 -26.13 12.01 10.04
CA THR A 884 -27.40 12.69 9.85
C THR A 884 -27.51 13.99 10.65
N SER A 885 -26.96 14.02 11.86
CA SER A 885 -26.96 15.27 12.64
C SER A 885 -26.12 16.33 11.92
N ALA A 886 -24.97 15.92 11.38
CA ALA A 886 -24.16 16.83 10.58
C ALA A 886 -24.95 17.33 9.36
N ALA A 887 -25.65 16.42 8.70
CA ALA A 887 -26.37 16.75 7.46
C ALA A 887 -27.73 17.40 7.70
N LYS A 888 -28.13 17.51 8.96
CA LYS A 888 -29.44 18.06 9.38
C LYS A 888 -30.62 17.26 8.81
N LEU A 889 -30.48 15.94 8.90
CA LEU A 889 -31.48 14.97 8.45
C LEU A 889 -31.78 14.06 9.63
N ASP A 890 -32.90 13.36 9.57
CA ASP A 890 -33.21 12.31 10.55
C ASP A 890 -33.30 10.97 9.83
N TYR A 891 -32.72 9.93 10.43
CA TYR A 891 -32.83 8.57 9.90
C TYR A 891 -34.13 7.89 10.35
N GLU A 892 -34.76 8.45 11.37
CA GLU A 892 -36.09 8.04 11.86
C GLU A 892 -37.04 9.23 11.88
N LYS A 893 -38.27 9.01 11.41
CA LYS A 893 -39.27 10.07 11.39
C LYS A 893 -39.56 10.51 12.82
N LYS A 894 -39.37 11.81 13.09
CA LYS A 894 -39.61 12.33 14.42
C LYS A 894 -41.10 12.57 14.66
N ALA A 895 -41.50 12.50 15.93
CA ALA A 895 -42.87 12.77 16.33
C ALA A 895 -43.25 14.22 16.00
N SER A 896 -44.49 14.40 15.57
CA SER A 896 -45.02 15.73 15.29
C SER A 896 -46.53 15.74 15.51
N LEU A 897 -47.12 16.94 15.43
CA LEU A 897 -48.57 17.15 15.52
C LEU A 897 -49.34 16.26 14.53
N PHE A 898 -48.70 15.89 13.44
CA PHE A 898 -49.33 15.07 12.39
C PHE A 898 -49.67 13.65 12.84
N ASP A 899 -49.00 13.17 13.88
CA ASP A 899 -49.24 11.85 14.46
C ASP A 899 -50.65 11.68 15.03
N MET A 900 -51.35 12.80 15.22
CA MET A 900 -52.74 12.78 15.70
C MET A 900 -53.71 12.31 14.62
N PHE A 901 -53.26 12.29 13.37
CA PHE A 901 -54.10 11.91 12.23
C PHE A 901 -53.82 10.49 11.76
N ASP A 902 -54.79 9.92 11.04
CA ASP A 902 -54.67 8.58 10.46
C ASP A 902 -54.25 8.67 8.99
N PHE A 903 -52.95 8.58 8.73
CA PHE A 903 -52.44 8.57 7.37
C PHE A 903 -52.10 7.15 6.95
P DFT B 4 12.56 3.33 6.25
OP1 DFT B 4 11.51 2.07 7.01
OP2 DFT B 4 13.84 2.90 5.05
O5' DFT B 4 12.15 4.98 6.36
C5' DFT B 4 10.94 5.35 6.99
C4' DFT B 4 10.89 6.82 6.66
O4' DFT B 4 10.57 7.01 5.27
C3' DFT B 4 9.81 7.52 7.44
O3' DFT B 4 10.30 7.89 8.74
C2' DFT B 4 9.51 8.69 6.52
C1' DFT B 4 9.61 8.05 5.14
C2 DFT B 4 7.16 8.42 4.51
C4 DFT B 4 5.70 6.57 4.07
C5 DFT B 4 6.82 5.63 4.33
C5M DFT B 4 6.57 4.14 4.22
C6 DFT B 4 8.08 6.12 4.66
F4 DFT B 4 4.50 6.09 3.73
C3 DFT B 4 5.91 7.93 4.17
F2 DFT B 4 7.33 9.75 4.60
C1 DFT B 4 8.29 7.50 4.76
N1 DOC C 13 -2.52 12.49 3.91
C2 DOC C 13 -1.30 12.36 4.59
N3 DOC C 13 -0.73 11.13 4.74
C4 DOC C 13 -1.32 10.03 4.22
C5 DOC C 13 -2.53 10.14 3.53
C6 DOC C 13 -3.12 11.40 3.39
O2 DOC C 13 -0.74 13.38 5.08
N4 DOC C 13 -0.73 8.81 4.38
C1' DOC C 13 -3.13 13.82 3.78
C2' DOC C 13 -2.52 14.63 2.64
C3' DOC C 13 -3.61 14.70 1.60
C4' DOC C 13 -4.87 14.53 2.42
O4' DOC C 13 -4.53 13.69 3.53
C5' DOC C 13 -5.96 13.86 1.61
O5' DOC C 13 -7.09 14.07 2.44
P DOC C 13 -8.52 13.37 2.23
OP1 DOC C 13 -9.53 14.48 2.20
OP2 DOC C 13 -8.47 12.34 1.14
PG DTP D . -1.20 13.89 -6.24
O1G DTP D . -2.20 14.82 -5.60
O2G DTP D . -0.52 14.45 -7.46
O3G DTP D . -1.73 12.48 -6.48
PB DTP D . 0.27 14.33 -3.77
O1B DTP D . 1.67 13.95 -3.37
O2B DTP D . -0.10 15.80 -3.82
O3B DTP D . 0.01 13.64 -5.22
PA DTP D . -1.87 13.98 -1.81
O1A DTP D . -2.51 12.68 -1.40
O2A DTP D . -2.69 15.08 -2.41
O3A DTP D . -0.74 13.49 -2.86
O5' DTP D . -1.08 14.52 -0.52
C5' DTP D . -0.48 15.83 -0.49
C4' DTP D . 0.81 15.75 0.31
O4' DTP D . 0.61 15.10 1.57
C3' DTP D . 1.87 14.92 -0.37
O3' DTP D . 2.56 15.62 -1.43
C2' DTP D . 2.76 14.56 0.78
C1' DTP D . 1.76 14.33 1.93
N9 DTP D . 1.41 12.89 1.90
C8 DTP D . 0.26 12.34 1.43
N7 DTP D . 0.29 10.99 1.53
C5 DTP D . 1.48 10.65 2.04
C6 DTP D . 2.16 9.38 2.40
N6 DTP D . 1.51 8.21 2.20
N1 DTP D . 3.41 9.45 2.92
C2 DTP D . 4.04 10.64 3.11
N3 DTP D . 3.48 11.83 2.81
C4 DTP D . 2.23 11.90 2.28
CA CA E . -2.25 16.58 -4.16
CA CA F . -4.80 16.17 -1.67
CA CA G . -24.28 -0.73 -29.46
CA CA H . -1.93 -24.70 3.34
#